data_4H3W
#
_entry.id   4H3W
#
_cell.length_a   38.746
_cell.length_b   65.323
_cell.length_c   78.756
_cell.angle_alpha   91.640
_cell.angle_beta   92.350
_cell.angle_gamma   104.500
#
_symmetry.space_group_name_H-M   'P 1'
#
loop_
_entity.id
_entity.type
_entity.pdbx_description
1 polymer 'hypothetical protein'
2 water water
#
_entity_poly.entity_id   1
_entity_poly.type   'polypeptide(L)'
_entity_poly.pdbx_seq_one_letter_code
;GYDLSDVNTDDAV(MSE)GESWVAPLG(MSE)GYVTSDDVVNVE(MLY)VPSIREVDGAYV(MSE)IYDGE(MSE)
(MLY)I(MLY)G(MLY)SLRAASD(MLY)VEIASEDITTGDIDGLFDGDFVLALTNPHITL(MLY)SNV(MLY)NASLDC
SLSIEAENTS(MLY)(MLY)EATSSDFTLSTVSPNIWIGPLDP(MLY)TDAF(MLY)FV(MLY)NE(MLY)LPGIVQIVP
Q(MLY)IHLSLSADS(MLY)QWTNAPADALSELRYAVELPLTPAPEFSAVSVERIEDAFDEDFVDYIFSDGSARIYGEVT
NE(MSE)PFD(MSE)SIE(MSE)VI(MSE)DENNVPVDIQFPAQEV(MLY)GQSGEVIFEIT(MLY)ED(MSE)P(MLY)
(MSE)(MLY)DARHIDLNLHLTGRDQGEAL(MLY)(MLY)GQ(MLY)TTFNL(MLY)L(MLY)(MLY)EGGISI
;
_entity_poly.pdbx_strand_id   A,B
#
# COMPACT_ATOMS: atom_id res chain seq x y z
N GLU A 16 -42.82 6.46 -8.72
CA GLU A 16 -42.40 5.69 -9.95
C GLU A 16 -40.99 5.11 -9.80
N SER A 17 -40.84 4.16 -8.87
CA SER A 17 -39.61 3.37 -8.72
C SER A 17 -39.65 2.04 -9.47
N TRP A 18 -38.55 1.71 -10.15
CA TRP A 18 -38.33 0.36 -10.68
CA TRP A 18 -38.34 0.38 -10.68
C TRP A 18 -37.29 -0.32 -9.80
N VAL A 19 -37.49 -1.60 -9.52
CA VAL A 19 -36.44 -2.39 -8.89
C VAL A 19 -36.14 -3.58 -9.80
N ALA A 20 -34.85 -3.81 -10.04
CA ALA A 20 -34.42 -4.93 -10.88
C ALA A 20 -33.35 -5.77 -10.16
N PRO A 21 -33.46 -7.09 -10.24
CA PRO A 21 -32.47 -7.97 -9.61
C PRO A 21 -31.22 -8.10 -10.46
N LEU A 22 -30.07 -8.27 -9.83
CA LEU A 22 -28.79 -8.28 -10.56
C LEU A 22 -28.08 -9.62 -10.45
N GLY A 23 -28.47 -10.42 -9.47
CA GLY A 23 -27.93 -11.78 -9.28
C GLY A 23 -26.96 -11.77 -8.12
N MSE A 24 -26.69 -12.93 -7.56
CA MSE A 24 -25.94 -13.09 -6.32
C MSE A 24 -24.48 -13.23 -6.55
O MSE A 24 -24.02 -14.26 -7.04
CB MSE A 24 -26.52 -14.34 -5.66
CG MSE A 24 -25.84 -14.75 -4.35
SE MSE A 24 -26.47 -13.75 -2.77
CE MSE A 24 -28.36 -13.50 -3.25
N GLY A 25 -23.72 -12.19 -6.25
CA GLY A 25 -22.31 -12.39 -5.96
C GLY A 25 -22.30 -13.23 -4.69
N TYR A 26 -21.37 -14.15 -4.64
CA TYR A 26 -21.36 -15.12 -3.59
C TYR A 26 -20.08 -15.83 -3.83
N VAL A 27 -19.10 -15.66 -2.95
CA VAL A 27 -17.80 -16.27 -3.19
C VAL A 27 -17.32 -16.99 -1.93
N THR A 28 -16.53 -18.05 -2.12
CA THR A 28 -15.97 -18.80 -0.99
CA THR A 28 -15.97 -18.79 -0.99
C THR A 28 -14.51 -18.41 -0.84
N SER A 29 -13.91 -18.84 0.26
CA SER A 29 -12.52 -18.48 0.53
C SER A 29 -11.67 -18.81 -0.67
N ASP A 30 -11.87 -20.00 -1.21
CA ASP A 30 -11.00 -20.42 -2.32
C ASP A 30 -11.35 -19.78 -3.72
N ASP A 31 -12.41 -18.99 -3.82
CA ASP A 31 -12.59 -18.07 -4.94
C ASP A 31 -11.80 -16.76 -4.73
N VAL A 32 -11.79 -16.25 -3.51
CA VAL A 32 -11.16 -14.96 -3.20
C VAL A 32 -9.63 -15.08 -3.11
N VAL A 33 -9.19 -16.21 -2.60
CA VAL A 33 -7.83 -16.55 -2.40
C VAL A 33 -7.57 -17.82 -3.18
N ASN A 34 -6.61 -17.80 -4.11
CA ASN A 34 -6.45 -18.89 -5.10
C ASN A 34 -5.64 -20.04 -4.57
N VAL A 35 -6.12 -20.64 -3.49
CA VAL A 35 -5.40 -21.67 -2.79
C VAL A 35 -5.19 -22.89 -3.69
N GLU A 36 -6.02 -23.05 -4.69
CA GLU A 36 -5.85 -24.15 -5.65
C GLU A 36 -4.60 -24.06 -6.52
N MLY A 37 -4.12 -22.84 -6.73
CA MLY A 37 -2.95 -22.59 -7.58
CB MLY A 37 -3.02 -21.17 -8.17
CG MLY A 37 -3.81 -21.07 -9.49
CD MLY A 37 -4.00 -19.63 -9.94
C MLY A 37 -1.69 -22.74 -6.77
O MLY A 37 -0.61 -22.64 -7.33
N VAL A 38 -1.81 -23.05 -5.49
CA VAL A 38 -0.67 -23.05 -4.57
C VAL A 38 -0.50 -24.42 -3.91
N PRO A 39 0.38 -25.28 -4.46
CA PRO A 39 0.54 -26.68 -3.97
C PRO A 39 0.98 -26.86 -2.53
N SER A 40 1.63 -25.84 -1.96
CA SER A 40 2.06 -25.90 -0.55
C SER A 40 0.91 -25.80 0.48
N ILE A 41 -0.25 -25.33 0.04
CA ILE A 41 -1.42 -25.23 0.90
C ILE A 41 -1.85 -26.60 1.43
N ARG A 42 -2.01 -26.70 2.76
CA ARG A 42 -2.64 -27.80 3.48
C ARG A 42 -3.80 -27.25 4.28
N GLU A 43 -4.79 -28.10 4.57
CA GLU A 43 -5.85 -27.74 5.50
C GLU A 43 -5.51 -28.35 6.83
N VAL A 44 -5.29 -27.55 7.87
CA VAL A 44 -4.90 -28.05 9.21
C VAL A 44 -5.88 -27.52 10.24
N ASP A 45 -6.70 -28.39 10.80
CA ASP A 45 -7.78 -27.96 11.72
C ASP A 45 -8.79 -26.99 11.08
N GLY A 46 -9.11 -27.21 9.81
CA GLY A 46 -10.06 -26.42 9.06
C GLY A 46 -9.51 -25.11 8.50
N ALA A 47 -8.22 -24.85 8.74
CA ALA A 47 -7.58 -23.60 8.37
C ALA A 47 -6.54 -23.82 7.29
N TYR A 48 -6.46 -22.89 6.35
CA TYR A 48 -5.45 -22.97 5.29
C TYR A 48 -4.07 -22.54 5.80
N VAL A 49 -3.10 -23.41 5.56
CA VAL A 49 -1.74 -23.17 5.95
C VAL A 49 -0.76 -23.60 4.87
N MSE A 50 0.20 -22.76 4.48
CA MSE A 50 1.25 -23.21 3.53
C MSE A 50 2.41 -23.81 4.29
O MSE A 50 2.89 -23.22 5.27
CB MSE A 50 1.74 -22.05 2.69
CG MSE A 50 0.65 -21.57 1.77
SE MSE A 50 1.19 -19.93 0.82
CE MSE A 50 1.19 -18.64 2.29
N ILE A 51 2.87 -25.00 3.87
CA ILE A 51 3.96 -25.67 4.55
C ILE A 51 5.04 -26.05 3.54
N TYR A 52 6.29 -25.72 3.85
CA TYR A 52 7.46 -26.17 3.11
C TYR A 52 8.35 -26.90 4.07
N ASP A 53 8.56 -28.20 3.88
CA ASP A 53 9.41 -28.99 4.79
C ASP A 53 10.49 -29.79 4.02
N GLY A 54 11.50 -30.23 4.75
CA GLY A 54 12.58 -30.99 4.15
C GLY A 54 13.71 -31.20 5.14
N GLU A 55 14.89 -31.47 4.60
CA GLU A 55 16.08 -31.66 5.41
C GLU A 55 17.15 -30.66 5.00
N MSE A 56 17.99 -30.28 5.96
CA MSE A 56 19.16 -29.47 5.70
C MSE A 56 20.34 -30.42 5.58
O MSE A 56 20.56 -31.23 6.47
CB MSE A 56 19.34 -28.45 6.83
CG MSE A 56 18.16 -27.49 6.93
SE MSE A 56 18.55 -26.00 8.18
CE MSE A 56 19.91 -25.03 7.15
N MLY A 57 21.08 -30.34 4.48
CA MLY A 57 22.27 -31.19 4.29
CB MLY A 57 22.71 -31.28 2.81
CG MLY A 57 23.33 -32.63 2.44
CD MLY A 57 24.37 -32.55 1.31
C MLY A 57 23.37 -30.61 5.14
O MLY A 57 23.73 -29.43 5.00
N ILE A 58 23.91 -31.42 6.05
CA ILE A 58 25.01 -31.01 6.90
C ILE A 58 26.32 -31.07 6.12
N MLY A 59 27.18 -30.06 6.31
CA MLY A 59 28.43 -29.94 5.56
CB MLY A 59 28.78 -28.46 5.38
CG MLY A 59 27.92 -27.86 4.26
CD MLY A 59 27.95 -26.34 4.27
CE MLY A 59 27.68 -25.75 2.88
NZ MLY A 59 28.07 -24.32 2.81
CH1 MLY A 59 29.53 -24.13 2.95
CH2 MLY A 59 27.63 -23.75 1.51
C MLY A 59 29.55 -30.68 6.28
O MLY A 59 29.51 -30.87 7.49
N GLY A 60 30.52 -31.17 5.50
CA GLY A 60 31.69 -31.85 6.06
C GLY A 60 32.62 -30.84 6.71
N MLY A 61 33.54 -31.32 7.55
CA MLY A 61 34.41 -30.46 8.35
CB MLY A 61 34.70 -31.14 9.69
CG MLY A 61 33.46 -31.80 10.29
CD MLY A 61 33.23 -31.34 11.72
CE MLY A 61 32.29 -32.28 12.44
NZ MLY A 61 32.44 -32.09 13.90
CH1 MLY A 61 31.20 -32.53 14.55
CH2 MLY A 61 33.60 -32.85 14.43
C MLY A 61 35.70 -30.20 7.60
O MLY A 61 36.52 -31.10 7.44
N SER A 62 35.89 -28.96 7.16
CA SER A 62 37.00 -28.56 6.29
C SER A 62 38.09 -27.75 7.00
N LEU A 63 39.11 -28.41 7.55
CA LEU A 63 40.22 -27.71 8.18
C LEU A 63 39.68 -26.64 9.16
N ARG A 64 40.27 -25.45 9.21
CA ARG A 64 39.70 -24.37 10.02
C ARG A 64 40.23 -22.98 9.68
N ALA A 65 39.46 -22.22 8.91
CA ALA A 65 39.54 -20.75 8.93
C ALA A 65 39.17 -20.28 10.31
N ALA A 66 39.92 -19.31 10.85
CA ALA A 66 39.74 -18.89 12.25
C ALA A 66 38.56 -17.93 12.45
N SER A 67 37.46 -18.19 11.77
CA SER A 67 36.23 -17.43 11.94
C SER A 67 35.50 -17.92 13.18
N ASP A 68 34.91 -17.00 13.93
CA ASP A 68 34.20 -17.31 15.18
C ASP A 68 33.03 -18.28 15.01
N MLY A 69 32.35 -18.18 13.87
CA MLY A 69 31.25 -19.08 13.53
CB MLY A 69 29.94 -18.29 13.49
CG MLY A 69 29.34 -18.19 14.89
CD MLY A 69 27.97 -17.54 14.83
CE MLY A 69 27.51 -16.98 16.18
NZ MLY A 69 27.34 -18.01 17.23
CH1 MLY A 69 26.67 -17.39 18.40
CH2 MLY A 69 26.52 -19.14 16.76
C MLY A 69 31.52 -19.68 12.18
O MLY A 69 32.22 -19.10 11.36
N VAL A 70 30.92 -20.84 11.95
CA VAL A 70 31.06 -21.58 10.70
C VAL A 70 29.67 -22.04 10.23
N GLU A 71 29.43 -21.98 8.93
CA GLU A 71 28.19 -22.47 8.34
C GLU A 71 28.23 -23.98 8.28
N ILE A 72 27.25 -24.65 8.89
CA ILE A 72 27.27 -26.12 8.95
C ILE A 72 26.14 -26.77 8.14
N ALA A 73 25.17 -25.98 7.71
CA ALA A 73 24.10 -26.49 6.86
C ALA A 73 23.38 -25.34 6.16
N SER A 74 22.85 -25.60 4.97
CA SER A 74 22.10 -24.63 4.19
CA SER A 74 22.05 -24.60 4.25
C SER A 74 21.01 -25.31 3.41
N GLU A 75 19.97 -24.56 3.06
CA GLU A 75 18.93 -25.08 2.20
C GLU A 75 18.28 -23.93 1.49
N ASP A 76 18.02 -24.12 0.20
CA ASP A 76 17.21 -23.22 -0.59
C ASP A 76 15.85 -23.84 -0.77
N ILE A 77 14.83 -23.10 -0.41
CA ILE A 77 13.47 -23.56 -0.52
C ILE A 77 12.87 -22.78 -1.67
N THR A 78 12.37 -23.48 -2.67
CA THR A 78 11.59 -22.84 -3.74
C THR A 78 10.16 -22.53 -3.28
N THR A 79 9.75 -21.26 -3.35
CA THR A 79 8.38 -20.86 -2.88
C THR A 79 7.69 -20.00 -3.92
N GLY A 80 7.98 -20.25 -5.19
CA GLY A 80 7.44 -19.46 -6.29
C GLY A 80 5.94 -19.58 -6.50
N ASP A 81 5.34 -20.60 -5.89
CA ASP A 81 3.88 -20.76 -5.96
C ASP A 81 3.08 -19.76 -5.12
N ILE A 82 3.71 -19.14 -4.12
CA ILE A 82 3.01 -18.21 -3.22
C ILE A 82 2.42 -17.04 -3.98
N ASP A 83 3.12 -16.58 -5.03
CA ASP A 83 2.59 -15.52 -5.90
C ASP A 83 1.19 -15.81 -6.45
N GLY A 84 0.83 -17.09 -6.59
CA GLY A 84 -0.48 -17.48 -7.13
C GLY A 84 -1.67 -17.25 -6.19
N LEU A 85 -1.44 -16.91 -4.92
CA LEU A 85 -2.58 -16.65 -4.04
C LEU A 85 -3.49 -15.50 -4.51
N PHE A 86 -2.92 -14.48 -5.07
CA PHE A 86 -3.65 -13.34 -5.57
C PHE A 86 -3.00 -12.94 -6.89
N ASP A 87 -3.77 -12.26 -7.74
CA ASP A 87 -3.21 -11.60 -8.91
C ASP A 87 -2.60 -10.30 -8.50
N GLY A 88 -1.43 -9.98 -9.06
CA GLY A 88 -0.79 -8.71 -8.79
C GLY A 88 -0.12 -8.69 -7.42
N ASP A 89 0.31 -7.51 -7.01
CA ASP A 89 1.07 -7.37 -5.80
C ASP A 89 0.15 -7.52 -4.59
N PHE A 90 0.66 -8.17 -3.57
CA PHE A 90 -0.01 -8.20 -2.28
C PHE A 90 1.05 -8.18 -1.18
N VAL A 91 0.61 -7.84 0.02
CA VAL A 91 1.43 -7.80 1.20
C VAL A 91 0.94 -8.93 2.10
N LEU A 92 1.78 -9.95 2.19
CA LEU A 92 1.44 -11.19 2.90
C LEU A 92 1.84 -11.13 4.38
N ALA A 93 1.22 -10.22 5.12
CA ALA A 93 1.46 -10.00 6.55
C ALA A 93 0.58 -10.96 7.34
N LEU A 94 1.23 -11.89 8.04
CA LEU A 94 0.62 -12.97 8.74
C LEU A 94 0.94 -12.88 10.19
N THR A 95 0.04 -13.40 11.01
CA THR A 95 0.14 -13.31 12.46
CA THR A 95 0.21 -13.25 12.46
C THR A 95 1.22 -14.20 13.03
N ASN A 96 1.40 -15.36 12.43
CA ASN A 96 2.29 -16.36 13.06
C ASN A 96 2.99 -17.32 12.08
N PRO A 97 3.68 -16.74 11.11
CA PRO A 97 4.60 -17.55 10.32
C PRO A 97 5.70 -17.98 11.25
N HIS A 98 6.14 -19.25 11.12
CA HIS A 98 7.18 -19.76 11.97
C HIS A 98 7.97 -20.82 11.24
N ILE A 99 9.13 -21.10 11.79
CA ILE A 99 10.02 -22.12 11.32
C ILE A 99 10.35 -23.04 12.46
N THR A 100 10.26 -24.35 12.23
CA THR A 100 10.76 -25.31 13.21
C THR A 100 11.96 -26.06 12.66
N LEU A 101 12.83 -26.45 13.58
CA LEU A 101 14.00 -27.29 13.32
C LEU A 101 13.99 -28.49 14.22
N MLY A 102 14.14 -29.69 13.68
CA MLY A 102 14.23 -30.89 14.49
CB MLY A 102 13.03 -31.81 14.25
CG MLY A 102 11.77 -31.13 14.79
CD MLY A 102 10.52 -32.03 14.67
CE MLY A 102 10.05 -32.56 16.02
NZ MLY A 102 8.57 -32.47 16.21
CH1 MLY A 102 7.79 -32.99 15.07
CH2 MLY A 102 8.23 -33.20 17.45
C MLY A 102 15.53 -31.58 14.13
O MLY A 102 15.85 -31.74 12.93
N SER A 103 16.32 -31.87 15.16
CA SER A 103 17.65 -32.47 15.01
C SER A 103 17.83 -33.71 15.87
N ASN A 104 18.74 -34.59 15.46
CA ASN A 104 19.23 -35.69 16.30
C ASN A 104 20.61 -35.32 16.81
N VAL A 105 20.71 -34.91 18.07
CA VAL A 105 21.97 -34.42 18.65
C VAL A 105 22.50 -35.40 19.66
N MLY A 106 23.55 -36.13 19.30
CA MLY A 106 24.13 -37.15 20.19
CB MLY A 106 24.65 -38.37 19.41
CG MLY A 106 23.55 -39.22 18.74
CD MLY A 106 23.84 -39.58 17.28
CE MLY A 106 23.30 -40.95 16.87
NZ MLY A 106 22.88 -40.97 15.44
CH1 MLY A 106 24.06 -41.00 14.55
CH2 MLY A 106 22.04 -42.16 15.18
C MLY A 106 25.26 -36.51 20.95
O MLY A 106 26.26 -36.09 20.36
N ASN A 107 25.09 -36.41 22.27
CA ASN A 107 26.16 -36.06 23.20
C ASN A 107 26.93 -34.78 22.89
N ALA A 108 26.20 -33.67 22.73
CA ALA A 108 26.84 -32.39 22.43
C ALA A 108 25.92 -31.22 22.76
N SER A 109 26.51 -30.04 22.83
CA SER A 109 25.80 -28.80 23.05
C SER A 109 26.44 -27.74 22.16
N LEU A 110 25.67 -27.25 21.19
CA LEU A 110 26.20 -26.33 20.16
C LEU A 110 25.44 -25.03 20.11
N ASP A 111 26.17 -23.93 20.23
CA ASP A 111 25.58 -22.60 20.10
C ASP A 111 25.53 -22.25 18.64
N CYS A 112 24.31 -21.98 18.17
CA CYS A 112 24.00 -21.87 16.78
C CYS A 112 23.27 -20.57 16.45
N SER A 113 23.23 -20.25 15.16
CA SER A 113 22.37 -19.18 14.60
C SER A 113 21.71 -19.67 13.35
N LEU A 114 20.43 -19.38 13.19
CA LEU A 114 19.76 -19.63 11.93
C LEU A 114 19.46 -18.32 11.19
N SER A 115 20.04 -18.17 10.01
CA SER A 115 19.73 -17.11 9.09
C SER A 115 18.60 -17.56 8.18
N ILE A 116 17.60 -16.69 8.08
CA ILE A 116 16.43 -16.89 7.25
C ILE A 116 16.33 -15.71 6.29
N GLU A 117 16.49 -15.98 5.00
CA GLU A 117 16.50 -14.94 3.99
C GLU A 117 15.39 -15.21 2.99
N ALA A 118 14.54 -14.22 2.79
CA ALA A 118 13.52 -14.35 1.78
C ALA A 118 13.89 -13.45 0.63
N GLU A 119 13.58 -13.90 -0.58
CA GLU A 119 13.82 -13.00 -1.72
C GLU A 119 12.83 -13.23 -2.84
N ASN A 120 12.56 -12.15 -3.54
CA ASN A 120 11.88 -12.24 -4.81
C ASN A 120 12.63 -11.34 -5.80
N THR A 121 12.02 -11.03 -6.93
CA THR A 121 12.75 -10.31 -7.98
C THR A 121 13.05 -8.86 -7.60
N SER A 122 12.29 -8.28 -6.68
CA SER A 122 12.54 -6.86 -6.35
CA SER A 122 12.46 -6.86 -6.31
C SER A 122 13.13 -6.65 -4.96
N MLY A 123 13.06 -7.66 -4.09
CA MLY A 123 13.49 -7.53 -2.68
CB MLY A 123 12.26 -7.23 -1.82
CG MLY A 123 11.63 -5.90 -2.17
CD MLY A 123 10.69 -5.49 -1.09
CE MLY A 123 10.27 -4.05 -1.29
NZ MLY A 123 9.25 -3.68 -0.28
CH1 MLY A 123 9.65 -4.00 1.13
CH2 MLY A 123 8.99 -2.24 -0.43
C MLY A 123 14.11 -8.75 -2.08
O MLY A 123 13.82 -9.87 -2.51
N MLY A 124 14.95 -8.53 -1.07
CA MLY A 124 15.61 -9.62 -0.33
CB MLY A 124 16.93 -9.99 -1.02
CG MLY A 124 17.87 -10.92 -0.26
C MLY A 124 15.79 -9.14 1.09
O MLY A 124 16.41 -8.10 1.31
N GLU A 125 15.16 -9.83 2.06
CA GLU A 125 15.20 -9.39 3.47
C GLU A 125 15.56 -10.60 4.30
N ALA A 126 16.16 -10.37 5.45
CA ALA A 126 16.74 -11.47 6.24
C ALA A 126 16.59 -11.19 7.72
N THR A 127 16.56 -12.26 8.51
CA THR A 127 16.62 -12.14 9.93
C THR A 127 17.41 -13.35 10.40
N SER A 128 17.70 -13.35 11.69
CA SER A 128 18.51 -14.37 12.29
C SER A 128 18.05 -14.59 13.71
N SER A 129 18.10 -15.84 14.17
CA SER A 129 17.82 -16.19 15.57
C SER A 129 18.94 -17.08 16.14
N ASP A 130 19.25 -16.91 17.43
CA ASP A 130 20.28 -17.70 18.13
C ASP A 130 19.66 -18.71 19.08
N PHE A 131 20.32 -19.85 19.23
CA PHE A 131 19.83 -20.92 20.10
C PHE A 131 20.93 -21.94 20.28
N THR A 132 20.74 -22.83 21.24
CA THR A 132 21.66 -23.94 21.46
C THR A 132 20.97 -25.24 21.10
N LEU A 133 21.64 -26.05 20.28
CA LEU A 133 21.18 -27.37 19.97
C LEU A 133 21.89 -28.33 20.89
N SER A 134 21.14 -29.03 21.74
CA SER A 134 21.72 -30.04 22.60
C SER A 134 20.89 -31.32 22.58
N THR A 135 21.48 -32.36 23.17
CA THR A 135 20.81 -33.60 23.47
C THR A 135 19.44 -33.38 24.06
N VAL A 136 19.41 -32.62 25.16
CA VAL A 136 18.19 -32.37 25.92
C VAL A 136 17.23 -31.40 25.24
N SER A 137 17.76 -30.48 24.42
CA SER A 137 16.92 -29.54 23.63
CA SER A 137 16.94 -29.55 23.64
C SER A 137 17.36 -29.49 22.17
N PRO A 138 16.90 -30.47 21.37
CA PRO A 138 17.34 -30.62 19.97
C PRO A 138 16.40 -30.03 18.96
N ASN A 139 15.30 -29.43 19.42
CA ASN A 139 14.27 -28.91 18.54
C ASN A 139 13.99 -27.45 18.84
N ILE A 140 13.90 -26.66 17.79
CA ILE A 140 13.74 -25.24 17.91
C ILE A 140 12.48 -24.78 17.20
N TRP A 141 11.79 -23.78 17.78
CA TRP A 141 10.64 -23.14 17.14
C TRP A 141 10.92 -21.63 17.07
N ILE A 142 11.03 -21.09 15.87
CA ILE A 142 11.31 -19.66 15.66
C ILE A 142 10.08 -18.95 15.08
N GLY A 143 9.57 -17.98 15.81
CA GLY A 143 8.44 -17.19 15.33
C GLY A 143 8.04 -16.14 16.34
N PRO A 144 6.98 -15.41 16.06
CA PRO A 144 6.56 -14.29 16.91
C PRO A 144 5.73 -14.76 18.14
N LEU A 145 5.15 -15.96 18.11
CA LEU A 145 4.25 -16.38 19.20
C LEU A 145 4.70 -17.70 19.82
N ASP A 146 4.69 -17.78 21.15
CA ASP A 146 5.20 -18.95 21.84
C ASP A 146 4.23 -20.12 21.72
N PRO A 147 4.67 -21.29 21.22
CA PRO A 147 3.70 -22.37 21.07
C PRO A 147 3.36 -23.09 22.41
N MLY A 148 4.19 -22.84 23.42
CA MLY A 148 4.05 -23.46 24.74
CA MLY A 148 4.07 -23.47 24.74
CB MLY A 148 2.83 -22.86 25.44
CB MLY A 148 2.90 -22.86 25.50
CG MLY A 148 2.95 -21.36 25.71
CG MLY A 148 3.28 -21.43 25.89
CD MLY A 148 1.60 -20.65 25.59
CD MLY A 148 2.16 -20.68 26.60
CE MLY A 148 1.70 -19.25 26.19
CE MLY A 148 2.69 -19.90 27.80
NZ MLY A 148 0.58 -18.92 27.10
NZ MLY A 148 3.90 -19.13 27.44
CH1 MLY A 148 0.57 -19.82 28.26
CH1 MLY A 148 3.52 -17.88 26.78
CH2 MLY A 148 0.74 -17.55 27.58
CH2 MLY A 148 4.68 -18.83 28.64
C MLY A 148 3.94 -24.96 24.57
O MLY A 148 2.94 -25.55 24.94
N THR A 149 4.95 -25.57 23.98
CA THR A 149 5.04 -27.02 23.87
C THR A 149 6.44 -27.41 24.30
N ASP A 150 6.55 -28.39 25.18
CA ASP A 150 7.83 -28.81 25.71
C ASP A 150 8.68 -29.48 24.65
N ALA A 151 8.04 -29.93 23.58
CA ALA A 151 8.76 -30.54 22.47
C ALA A 151 9.75 -29.58 21.84
N PHE A 152 9.48 -28.28 21.91
CA PHE A 152 10.28 -27.27 21.22
C PHE A 152 10.84 -26.21 22.18
N MLY A 153 12.07 -25.79 21.97
CA MLY A 153 12.59 -24.58 22.58
CB MLY A 153 14.11 -24.66 22.65
CG MLY A 153 14.82 -23.36 23.09
CD MLY A 153 14.36 -22.85 24.46
CE MLY A 153 15.29 -21.75 25.00
NZ MLY A 153 14.53 -20.57 25.47
CH1 MLY A 153 14.68 -20.41 26.93
CH2 MLY A 153 15.00 -19.35 24.78
C MLY A 153 12.13 -23.41 21.74
O MLY A 153 12.36 -23.38 20.54
N PHE A 154 11.41 -22.47 22.35
CA PHE A 154 10.90 -21.31 21.63
C PHE A 154 11.89 -20.14 21.60
N VAL A 155 12.13 -19.60 20.41
CA VAL A 155 13.03 -18.49 20.23
C VAL A 155 12.24 -17.40 19.53
N MLY A 156 11.90 -16.35 20.26
CA MLY A 156 11.02 -15.33 19.74
CB MLY A 156 10.62 -14.35 20.82
CG MLY A 156 9.48 -13.48 20.31
CD MLY A 156 9.02 -12.44 21.34
CE MLY A 156 7.73 -12.85 22.05
NZ MLY A 156 7.01 -11.66 22.52
CH1 MLY A 156 5.65 -12.06 22.91
CH2 MLY A 156 7.71 -11.04 23.67
C MLY A 156 11.73 -14.63 18.62
O MLY A 156 12.89 -14.27 18.75
N ASN A 157 11.01 -14.44 17.51
CA ASN A 157 11.48 -13.62 16.38
C ASN A 157 10.30 -12.87 15.81
N GLU A 158 10.27 -11.59 16.13
CA GLU A 158 9.18 -10.72 15.68
C GLU A 158 9.46 -10.04 14.36
N MLY A 159 10.63 -10.25 13.79
CA MLY A 159 10.97 -9.72 12.46
CB MLY A 159 12.48 -9.49 12.33
CG MLY A 159 12.99 -8.47 13.35
CD MLY A 159 12.56 -7.07 12.95
C MLY A 159 10.57 -10.68 11.39
O MLY A 159 10.48 -10.29 10.23
N LEU A 160 10.34 -11.95 11.72
CA LEU A 160 10.02 -12.96 10.70
C LEU A 160 8.79 -12.58 9.86
N PRO A 161 7.71 -12.06 10.48
CA PRO A 161 6.56 -11.74 9.64
C PRO A 161 6.85 -10.70 8.57
N GLY A 162 7.66 -9.71 8.91
CA GLY A 162 8.11 -8.72 7.94
C GLY A 162 8.89 -9.23 6.77
N ILE A 163 9.68 -10.30 6.92
CA ILE A 163 10.43 -10.79 5.76
C ILE A 163 9.48 -11.62 4.86
N VAL A 164 8.51 -12.29 5.46
CA VAL A 164 7.54 -13.08 4.69
C VAL A 164 6.60 -12.20 3.90
N GLN A 165 6.29 -11.01 4.41
CA GLN A 165 5.26 -10.18 3.75
C GLN A 165 5.66 -9.66 2.37
N ILE A 166 6.95 -9.67 2.04
CA ILE A 166 7.39 -9.31 0.68
C ILE A 166 6.86 -10.28 -0.40
N VAL A 167 6.43 -11.47 0.02
CA VAL A 167 6.00 -12.58 -0.85
C VAL A 167 7.25 -13.22 -1.49
N PRO A 168 7.87 -14.15 -0.75
CA PRO A 168 9.10 -14.73 -1.25
C PRO A 168 8.85 -15.64 -2.44
N GLN A 169 9.78 -15.64 -3.37
CA GLN A 169 9.86 -16.68 -4.38
C GLN A 169 10.90 -17.71 -3.94
N MLY A 170 11.77 -17.36 -3.00
CA MLY A 170 12.81 -18.26 -2.49
CB MLY A 170 14.17 -18.06 -3.17
CG MLY A 170 14.33 -18.76 -4.51
C MLY A 170 13.03 -17.94 -1.05
O MLY A 170 13.03 -16.77 -0.64
N ILE A 171 13.23 -18.97 -0.24
CA ILE A 171 13.69 -18.78 1.14
C ILE A 171 14.97 -19.54 1.30
N HIS A 172 16.00 -18.91 1.86
CA HIS A 172 17.25 -19.57 2.09
C HIS A 172 17.52 -19.66 3.59
N LEU A 173 17.78 -20.87 4.06
CA LEU A 173 18.11 -21.13 5.46
C LEU A 173 19.56 -21.47 5.57
N SER A 174 20.22 -20.84 6.53
CA SER A 174 21.61 -21.05 6.79
C SER A 174 21.86 -21.24 8.29
N LEU A 175 22.32 -22.43 8.65
CA LEU A 175 22.62 -22.76 10.03
C LEU A 175 24.10 -22.63 10.28
N SER A 176 24.46 -21.79 11.25
CA SER A 176 25.85 -21.61 11.64
CA SER A 176 25.83 -21.58 11.66
C SER A 176 26.02 -21.96 13.11
N ALA A 177 27.23 -22.41 13.45
CA ALA A 177 27.58 -22.78 14.81
C ALA A 177 28.91 -22.17 15.20
N ASP A 178 29.11 -21.97 16.51
CA ASP A 178 30.38 -21.59 17.08
C ASP A 178 31.47 -22.55 16.57
N SER A 179 32.57 -21.98 16.03
CA SER A 179 33.57 -22.80 15.34
C SER A 179 34.34 -23.76 16.24
N MLY A 180 34.70 -23.30 17.44
CA MLY A 180 35.49 -24.12 18.36
CB MLY A 180 35.91 -23.29 19.58
C MLY A 180 34.64 -25.30 18.73
O MLY A 180 35.11 -26.44 18.65
N GLN A 181 33.39 -25.07 19.12
CA GLN A 181 32.48 -26.14 19.55
C GLN A 181 32.26 -27.19 18.46
N TRP A 182 32.09 -26.71 17.23
CA TRP A 182 31.84 -27.61 16.10
C TRP A 182 33.03 -28.53 15.76
N THR A 183 34.26 -28.00 15.79
CA THR A 183 35.44 -28.86 15.59
C THR A 183 35.65 -29.85 16.73
N ASN A 184 35.40 -29.42 17.97
CA ASN A 184 35.59 -30.26 19.15
C ASN A 184 34.48 -31.28 19.41
N ALA A 185 33.36 -31.17 18.71
CA ALA A 185 32.24 -32.04 18.96
C ALA A 185 32.49 -33.44 18.41
N PRO A 186 31.87 -34.47 19.01
CA PRO A 186 31.95 -35.83 18.47
C PRO A 186 31.55 -35.88 16.99
N ALA A 187 32.18 -36.78 16.23
CA ALA A 187 31.97 -36.83 14.76
C ALA A 187 30.52 -37.09 14.39
N ASP A 188 29.81 -37.88 15.18
CA ASP A 188 28.38 -38.18 14.92
C ASP A 188 27.39 -37.24 15.67
N ALA A 189 27.86 -36.06 16.07
CA ALA A 189 27.11 -35.21 17.03
C ALA A 189 25.80 -34.67 16.46
N LEU A 190 25.76 -34.38 15.17
CA LEU A 190 24.56 -33.81 14.57
C LEU A 190 24.20 -34.45 13.22
N SER A 191 22.97 -34.99 13.14
CA SER A 191 22.38 -35.46 11.88
C SER A 191 20.83 -35.33 11.91
N GLU A 192 20.16 -35.71 10.81
CA GLU A 192 18.69 -35.68 10.71
C GLU A 192 18.13 -34.29 10.91
N LEU A 193 18.74 -33.30 10.28
CA LEU A 193 18.33 -31.92 10.47
C LEU A 193 17.10 -31.59 9.61
N ARG A 194 15.91 -31.53 10.24
CA ARG A 194 14.65 -31.42 9.53
C ARG A 194 14.00 -30.07 9.78
N TYR A 195 13.58 -29.39 8.72
CA TYR A 195 12.92 -28.08 8.88
C TYR A 195 11.46 -28.09 8.43
N ALA A 196 10.72 -27.05 8.85
CA ALA A 196 9.37 -26.86 8.44
C ALA A 196 9.11 -25.36 8.54
N VAL A 197 8.79 -24.73 7.41
CA VAL A 197 8.36 -23.35 7.32
C VAL A 197 6.87 -23.42 7.21
N GLU A 198 6.15 -22.83 8.16
CA GLU A 198 4.71 -22.87 8.17
C GLU A 198 4.16 -21.46 8.11
N LEU A 199 3.31 -21.21 7.12
CA LEU A 199 2.73 -19.89 6.88
C LEU A 199 1.20 -19.98 6.96
N PRO A 200 0.65 -19.88 8.16
CA PRO A 200 -0.80 -19.96 8.33
C PRO A 200 -1.46 -18.69 7.81
N LEU A 201 -2.53 -18.85 7.06
CA LEU A 201 -3.19 -17.73 6.46
C LEU A 201 -4.12 -17.08 7.48
N THR A 202 -3.51 -16.49 8.51
CA THR A 202 -4.17 -15.64 9.48
C THR A 202 -3.64 -14.24 9.24
N PRO A 203 -4.40 -13.41 8.50
CA PRO A 203 -3.86 -12.07 8.20
C PRO A 203 -3.59 -11.20 9.43
N ALA A 204 -2.53 -10.42 9.37
CA ALA A 204 -2.17 -9.41 10.34
C ALA A 204 -2.67 -8.05 9.83
N PRO A 205 -2.64 -7.02 10.65
CA PRO A 205 -3.14 -5.68 10.22
C PRO A 205 -2.56 -5.15 8.91
N GLU A 206 -1.29 -5.43 8.61
CA GLU A 206 -0.69 -4.91 7.38
C GLU A 206 -1.02 -5.72 6.11
N PHE A 207 -1.80 -6.77 6.25
CA PHE A 207 -2.14 -7.59 5.10
C PHE A 207 -2.88 -6.73 4.08
N SER A 208 -2.56 -6.91 2.81
CA SER A 208 -3.25 -6.19 1.73
C SER A 208 -3.23 -7.02 0.46
N ALA A 209 -4.37 -7.10 -0.24
CA ALA A 209 -4.47 -7.79 -1.51
C ALA A 209 -5.73 -7.33 -2.23
N VAL A 210 -5.79 -7.61 -3.52
CA VAL A 210 -6.98 -7.34 -4.29
C VAL A 210 -7.47 -8.63 -4.95
N SER A 211 -8.75 -8.87 -4.81
CA SER A 211 -9.42 -9.98 -5.45
CA SER A 211 -9.44 -9.98 -5.45
C SER A 211 -10.63 -9.45 -6.23
N VAL A 212 -10.83 -9.96 -7.44
CA VAL A 212 -11.93 -9.52 -8.31
C VAL A 212 -12.99 -10.59 -8.41
N GLU A 213 -14.24 -10.23 -8.13
CA GLU A 213 -15.36 -11.17 -8.26
C GLU A 213 -16.32 -10.69 -9.35
N ARG A 214 -16.69 -11.63 -10.21
CA ARG A 214 -17.48 -11.38 -11.41
C ARG A 214 -18.93 -11.78 -11.18
N ILE A 215 -19.84 -10.85 -11.42
CA ILE A 215 -21.26 -11.16 -11.52
CA ILE A 215 -21.27 -11.16 -11.51
C ILE A 215 -21.59 -11.03 -13.00
N GLU A 216 -21.76 -12.19 -13.64
CA GLU A 216 -21.99 -12.33 -15.06
C GLU A 216 -23.44 -12.11 -15.40
N ASP A 217 -23.69 -11.37 -16.46
CA ASP A 217 -25.05 -11.07 -16.93
C ASP A 217 -25.91 -10.41 -15.84
N ALA A 218 -25.36 -9.40 -15.21
CA ALA A 218 -26.10 -8.59 -14.24
C ALA A 218 -27.20 -7.80 -14.93
N PHE A 219 -26.96 -7.40 -16.16
CA PHE A 219 -27.91 -6.62 -16.94
C PHE A 219 -28.18 -7.34 -18.24
N ASP A 220 -29.45 -7.45 -18.61
CA ASP A 220 -29.87 -8.16 -19.81
C ASP A 220 -29.95 -7.19 -20.99
N GLU A 221 -29.38 -7.55 -22.13
CA GLU A 221 -29.43 -6.68 -23.29
C GLU A 221 -30.89 -6.32 -23.66
N ASP A 222 -31.84 -7.18 -23.33
CA ASP A 222 -33.24 -6.94 -23.76
C ASP A 222 -33.97 -5.91 -22.92
N PHE A 223 -33.34 -5.44 -21.86
CA PHE A 223 -34.02 -4.48 -20.95
CA PHE A 223 -33.97 -4.49 -20.92
C PHE A 223 -33.23 -3.17 -20.77
N VAL A 224 -31.93 -3.16 -21.07
CA VAL A 224 -31.09 -1.97 -20.79
C VAL A 224 -31.55 -0.70 -21.48
N ASP A 225 -32.03 -0.80 -22.72
CA ASP A 225 -32.43 0.40 -23.46
C ASP A 225 -33.60 1.08 -22.78
N TYR A 226 -34.56 0.28 -22.30
CA TYR A 226 -35.70 0.86 -21.58
C TYR A 226 -35.31 1.34 -20.18
N ILE A 227 -34.60 0.51 -19.42
CA ILE A 227 -34.32 0.85 -18.02
C ILE A 227 -33.36 2.02 -17.91
N PHE A 228 -32.39 2.12 -18.82
CA PHE A 228 -31.38 3.20 -18.71
C PHE A 228 -31.60 4.36 -19.68
N SER A 229 -32.85 4.53 -20.15
CA SER A 229 -33.18 5.61 -21.09
CA SER A 229 -33.20 5.61 -21.08
C SER A 229 -32.89 6.98 -20.48
N ASP A 230 -33.34 7.16 -19.23
CA ASP A 230 -33.10 8.39 -18.49
C ASP A 230 -33.42 8.20 -17.00
N GLY A 231 -33.54 9.29 -16.25
CA GLY A 231 -33.65 9.23 -14.82
C GLY A 231 -32.30 8.92 -14.18
N SER A 232 -32.35 8.38 -12.97
CA SER A 232 -31.16 8.05 -12.22
C SER A 232 -31.40 6.74 -11.46
N ALA A 233 -30.35 6.20 -10.87
CA ALA A 233 -30.48 4.88 -10.23
C ALA A 233 -29.42 4.65 -9.21
N ARG A 234 -29.56 3.56 -8.46
CA ARG A 234 -28.49 3.12 -7.61
C ARG A 234 -28.46 1.61 -7.60
N ILE A 235 -27.27 1.11 -7.37
CA ILE A 235 -27.06 -0.30 -7.13
C ILE A 235 -26.74 -0.42 -5.67
N TYR A 236 -27.50 -1.23 -4.95
CA TYR A 236 -27.35 -1.26 -3.50
C TYR A 236 -27.75 -2.58 -2.91
N GLY A 237 -27.37 -2.77 -1.65
CA GLY A 237 -27.79 -3.94 -0.87
C GLY A 237 -26.81 -4.36 0.21
N GLU A 238 -27.03 -5.56 0.75
CA GLU A 238 -26.27 -6.01 1.89
C GLU A 238 -25.20 -7.03 1.50
N VAL A 239 -24.03 -6.84 2.09
CA VAL A 239 -22.94 -7.75 1.95
C VAL A 239 -22.78 -8.48 3.26
N THR A 240 -22.56 -9.79 3.22
CA THR A 240 -22.19 -10.52 4.41
C THR A 240 -20.82 -11.08 4.17
N ASN A 241 -19.96 -11.07 5.18
CA ASN A 241 -18.58 -11.53 5.04
C ASN A 241 -18.18 -12.39 6.21
N GLU A 242 -17.79 -13.63 5.93
CA GLU A 242 -17.30 -14.56 6.96
C GLU A 242 -15.76 -14.70 6.95
N MSE A 243 -15.11 -14.06 5.98
CA MSE A 243 -13.67 -14.17 5.83
C MSE A 243 -12.98 -13.15 6.71
O MSE A 243 -13.55 -12.11 7.02
CB MSE A 243 -13.30 -13.91 4.36
CG MSE A 243 -13.71 -15.09 3.49
SE MSE A 243 -13.17 -14.76 1.62
CE MSE A 243 -14.79 -15.59 0.89
N PRO A 244 -11.73 -13.41 7.06
CA PRO A 244 -10.97 -12.54 7.98
C PRO A 244 -10.25 -11.36 7.30
N PHE A 245 -10.98 -10.63 6.44
CA PHE A 245 -10.51 -9.46 5.78
C PHE A 245 -11.57 -8.40 5.89
N ASP A 246 -11.17 -7.16 6.07
CA ASP A 246 -12.05 -6.03 5.76
C ASP A 246 -12.01 -5.78 4.25
N MSE A 247 -13.06 -5.22 3.67
CA MSE A 247 -13.11 -5.01 2.21
C MSE A 247 -13.48 -3.60 1.92
O MSE A 247 -14.36 -3.02 2.57
CB MSE A 247 -14.13 -5.95 1.57
CG MSE A 247 -13.86 -7.39 1.97
SE MSE A 247 -15.22 -8.53 1.08
CE MSE A 247 -14.33 -10.30 1.36
N SER A 248 -12.80 -3.01 0.95
CA SER A 248 -13.20 -1.79 0.31
C SER A 248 -13.59 -2.21 -1.11
N ILE A 249 -14.87 -2.05 -1.42
CA ILE A 249 -15.39 -2.58 -2.66
C ILE A 249 -15.49 -1.48 -3.69
N GLU A 250 -14.81 -1.72 -4.81
CA GLU A 250 -14.83 -0.85 -5.96
C GLU A 250 -15.57 -1.57 -7.08
N MSE A 251 -16.62 -0.96 -7.60
CA MSE A 251 -17.46 -1.58 -8.61
C MSE A 251 -17.09 -1.12 -10.00
O MSE A 251 -16.97 0.08 -10.28
CB MSE A 251 -18.92 -1.20 -8.32
CG MSE A 251 -19.82 -1.70 -9.44
SE MSE A 251 -21.73 -1.60 -8.94
CE MSE A 251 -21.77 -3.04 -7.64
N VAL A 252 -16.90 -2.09 -10.91
CA VAL A 252 -16.70 -1.79 -12.30
C VAL A 252 -17.79 -2.44 -13.12
N ILE A 253 -18.38 -1.64 -14.00
CA ILE A 253 -19.41 -2.10 -14.88
C ILE A 253 -18.73 -2.43 -16.19
N MSE A 254 -18.97 -3.64 -16.70
CA MSE A 254 -18.34 -4.15 -17.92
C MSE A 254 -19.35 -4.39 -19.02
O MSE A 254 -20.48 -4.86 -18.77
CB MSE A 254 -17.70 -5.50 -17.62
CG MSE A 254 -16.69 -5.54 -16.47
SE MSE A 254 -15.06 -4.67 -17.11
CE MSE A 254 -13.95 -6.27 -17.58
N ASP A 255 -18.95 -4.11 -20.26
CA ASP A 255 -19.78 -4.34 -21.42
C ASP A 255 -19.64 -5.78 -21.95
N GLU A 256 -20.34 -6.09 -23.03
CA GLU A 256 -20.38 -7.46 -23.57
C GLU A 256 -19.01 -7.99 -24.03
N ASN A 257 -18.07 -7.10 -24.27
CA ASN A 257 -16.70 -7.51 -24.60
C ASN A 257 -15.72 -7.45 -23.41
N ASN A 258 -16.26 -7.37 -22.20
CA ASN A 258 -15.47 -7.19 -21.00
C ASN A 258 -14.56 -5.98 -21.08
N VAL A 259 -15.07 -4.90 -21.67
CA VAL A 259 -14.45 -3.59 -21.62
C VAL A 259 -15.23 -2.69 -20.61
N PRO A 260 -14.53 -1.95 -19.74
CA PRO A 260 -15.27 -1.19 -18.73
C PRO A 260 -16.15 -0.13 -19.35
N VAL A 261 -17.34 0.04 -18.80
CA VAL A 261 -18.17 1.18 -19.09
C VAL A 261 -17.50 2.35 -18.34
N ASP A 262 -17.58 3.56 -18.89
CA ASP A 262 -16.92 4.75 -18.29
C ASP A 262 -17.78 5.40 -17.18
N ILE A 263 -17.90 4.69 -16.08
CA ILE A 263 -18.63 5.18 -14.91
C ILE A 263 -17.85 4.75 -13.67
N GLN A 264 -17.61 5.73 -12.80
CA GLN A 264 -16.95 5.46 -11.55
C GLN A 264 -17.83 5.78 -10.36
N PHE A 265 -17.52 5.15 -9.24
CA PHE A 265 -18.22 5.35 -7.97
C PHE A 265 -17.27 5.36 -6.78
N PRO A 266 -17.62 6.11 -5.71
CA PRO A 266 -16.86 5.99 -4.47
C PRO A 266 -16.82 4.52 -4.04
N ALA A 267 -15.67 4.06 -3.58
CA ALA A 267 -15.59 2.73 -3.02
C ALA A 267 -16.52 2.59 -1.82
N GLN A 268 -16.98 1.40 -1.55
CA GLN A 268 -17.84 1.14 -0.41
C GLN A 268 -17.19 0.19 0.60
N GLU A 269 -17.05 0.61 1.85
CA GLU A 269 -16.34 -0.20 2.84
C GLU A 269 -17.27 -1.18 3.47
N VAL A 270 -16.80 -2.38 3.72
CA VAL A 270 -17.50 -3.35 4.51
C VAL A 270 -16.48 -3.90 5.50
N MLY A 271 -16.58 -3.46 6.76
CA MLY A 271 -15.72 -3.96 7.82
CB MLY A 271 -15.13 -2.78 8.59
CG MLY A 271 -14.28 -1.89 7.68
CD MLY A 271 -13.31 -1.07 8.52
CE MLY A 271 -12.77 0.18 7.81
NZ MLY A 271 -11.75 -0.14 6.79
CH1 MLY A 271 -11.33 1.11 6.13
CH2 MLY A 271 -10.56 -0.79 7.39
C MLY A 271 -16.59 -4.84 8.68
O MLY A 271 -17.72 -4.50 8.96
N GLY A 272 -16.08 -5.97 9.11
CA GLY A 272 -16.92 -6.88 9.87
C GLY A 272 -17.82 -7.78 9.05
N GLN A 273 -18.83 -8.35 9.71
CA GLN A 273 -19.56 -9.48 9.18
C GLN A 273 -20.71 -9.02 8.25
N SER A 274 -21.13 -7.76 8.38
CA SER A 274 -22.25 -7.22 7.61
CA SER A 274 -22.24 -7.23 7.57
C SER A 274 -22.04 -5.76 7.25
N GLY A 275 -22.58 -5.35 6.11
CA GLY A 275 -22.46 -3.95 5.67
C GLY A 275 -23.39 -3.65 4.51
N GLU A 276 -23.92 -2.45 4.47
CA GLU A 276 -24.74 -1.97 3.35
C GLU A 276 -23.86 -1.21 2.42
N VAL A 277 -23.99 -1.46 1.11
CA VAL A 277 -23.28 -0.66 0.10
C VAL A 277 -24.26 0.01 -0.87
N ILE A 278 -23.87 1.17 -1.39
CA ILE A 278 -24.65 1.96 -2.33
C ILE A 278 -23.71 2.51 -3.41
N PHE A 279 -24.00 2.19 -4.67
CA PHE A 279 -23.29 2.76 -5.79
C PHE A 279 -24.27 3.60 -6.63
N GLU A 280 -24.13 4.92 -6.60
CA GLU A 280 -25.05 5.78 -7.33
C GLU A 280 -24.71 5.90 -8.81
N ILE A 281 -25.74 5.84 -9.66
CA ILE A 281 -25.62 6.10 -11.07
C ILE A 281 -26.32 7.42 -11.29
N THR A 282 -25.54 8.47 -11.56
CA THR A 282 -26.12 9.80 -11.73
C THR A 282 -26.86 9.94 -13.05
N MLY A 283 -27.69 10.98 -13.15
CA MLY A 283 -28.44 11.28 -14.37
CB MLY A 283 -29.11 12.65 -14.27
CG MLY A 283 -30.23 12.68 -13.25
C MLY A 283 -27.52 11.35 -15.55
O MLY A 283 -27.85 10.84 -16.63
N GLU A 284 -26.36 11.97 -15.35
CA GLU A 284 -25.39 12.19 -16.43
C GLU A 284 -24.84 10.87 -16.93
N ASP A 285 -24.66 9.92 -16.03
CA ASP A 285 -24.05 8.64 -16.43
C ASP A 285 -25.06 7.58 -16.84
N MSE A 286 -26.34 7.78 -16.56
CA MSE A 286 -27.35 6.74 -16.84
C MSE A 286 -27.35 6.21 -18.28
O MSE A 286 -27.42 5.00 -18.49
CB MSE A 286 -28.73 7.31 -16.48
CG MSE A 286 -29.81 6.26 -16.45
SE MSE A 286 -29.78 5.36 -14.69
CE MSE A 286 -31.61 4.69 -14.84
N PRO A 287 -27.26 7.08 -19.28
CA PRO A 287 -27.27 6.57 -20.66
C PRO A 287 -26.11 5.63 -21.01
N MLY A 288 -24.96 5.82 -20.36
CA MLY A 288 -23.81 4.96 -20.57
CB MLY A 288 -22.61 5.48 -19.78
CG MLY A 288 -22.16 6.81 -20.34
CD MLY A 288 -21.17 7.52 -19.42
CE MLY A 288 -20.74 8.86 -20.00
NZ MLY A 288 -20.39 9.76 -18.87
CH1 MLY A 288 -18.93 9.72 -18.68
CH2 MLY A 288 -20.84 11.16 -19.08
C MLY A 288 -24.10 3.53 -20.15
O MLY A 288 -23.47 2.60 -20.67
N MSE A 289 -25.07 3.35 -19.24
CA MSE A 289 -25.41 2.01 -18.75
C MSE A 289 -26.12 1.14 -19.80
O MSE A 289 -26.26 -0.07 -19.60
CB MSE A 289 -26.29 2.08 -17.48
CG MSE A 289 -25.56 2.71 -16.27
SE MSE A 289 -24.12 1.58 -15.59
CE MSE A 289 -25.29 0.12 -14.94
N MLY A 290 -26.52 1.72 -20.93
CA MLY A 290 -27.06 0.93 -22.05
CB MLY A 290 -27.39 1.88 -23.19
CG MLY A 290 -28.67 2.64 -22.82
CD MLY A 290 -28.95 3.74 -23.86
CE MLY A 290 -30.41 4.15 -23.91
NZ MLY A 290 -30.92 4.17 -25.30
CH1 MLY A 290 -32.38 4.39 -25.29
CH2 MLY A 290 -30.26 5.24 -26.07
C MLY A 290 -26.08 -0.15 -22.47
O MLY A 290 -26.50 -1.21 -22.96
N ASP A 291 -24.79 0.05 -22.18
CA ASP A 291 -23.77 -0.91 -22.55
C ASP A 291 -23.44 -1.87 -21.42
N ALA A 292 -24.04 -1.70 -20.26
CA ALA A 292 -23.70 -2.54 -19.12
C ALA A 292 -24.21 -3.98 -19.29
N ARG A 293 -23.37 -4.97 -18.98
CA ARG A 293 -23.76 -6.38 -18.97
C ARG A 293 -23.33 -7.14 -17.70
N HIS A 294 -22.09 -6.93 -17.25
CA HIS A 294 -21.52 -7.63 -16.14
C HIS A 294 -21.06 -6.62 -15.10
N ILE A 295 -20.85 -7.13 -13.90
CA ILE A 295 -20.24 -6.36 -12.83
C ILE A 295 -18.96 -7.05 -12.37
N ASP A 296 -17.88 -6.28 -12.28
CA ASP A 296 -16.70 -6.69 -11.51
C ASP A 296 -16.65 -5.93 -10.18
N LEU A 297 -16.60 -6.68 -9.08
CA LEU A 297 -16.37 -6.14 -7.73
C LEU A 297 -14.90 -6.31 -7.43
N ASN A 298 -14.17 -5.22 -7.43
CA ASN A 298 -12.77 -5.24 -6.97
C ASN A 298 -12.72 -5.14 -5.46
N LEU A 299 -12.33 -6.23 -4.84
CA LEU A 299 -12.33 -6.33 -3.39
C LEU A 299 -10.95 -6.02 -2.87
N HIS A 300 -10.77 -4.83 -2.34
CA HIS A 300 -9.50 -4.40 -1.72
C HIS A 300 -9.49 -4.92 -0.27
N LEU A 301 -8.73 -6.00 -0.04
CA LEU A 301 -8.72 -6.73 1.24
C LEU A 301 -7.65 -6.21 2.15
N THR A 302 -7.98 -6.02 3.40
CA THR A 302 -7.01 -5.57 4.38
C THR A 302 -7.16 -6.36 5.66
N GLY A 303 -6.06 -6.53 6.36
CA GLY A 303 -6.03 -7.26 7.58
C GLY A 303 -6.70 -6.59 8.74
N ARG A 304 -7.14 -7.40 9.69
CA ARG A 304 -7.73 -6.91 10.95
C ARG A 304 -6.77 -7.19 12.08
N ASP A 305 -7.11 -6.91 13.34
CA ASP A 305 -6.18 -7.21 14.44
CA ASP A 305 -6.20 -7.17 14.45
C ASP A 305 -6.72 -8.25 15.43
N GLN A 306 -7.61 -9.13 14.97
CA GLN A 306 -8.24 -10.13 15.85
CA GLN A 306 -8.26 -10.12 15.84
C GLN A 306 -7.74 -11.54 15.62
N GLY A 307 -6.72 -11.70 14.79
CA GLY A 307 -6.11 -13.03 14.63
C GLY A 307 -7.03 -14.12 14.08
N GLU A 308 -7.95 -13.75 13.20
CA GLU A 308 -8.88 -14.76 12.61
C GLU A 308 -8.27 -15.46 11.40
N ALA A 309 -8.44 -16.78 11.31
CA ALA A 309 -7.83 -17.60 10.26
C ALA A 309 -8.71 -17.72 9.06
N LEU A 310 -8.13 -17.79 7.85
CA LEU A 310 -8.88 -18.12 6.63
C LEU A 310 -9.24 -19.59 6.66
N MLY A 311 -10.52 -19.90 6.47
CA MLY A 311 -10.96 -21.30 6.52
CB MLY A 311 -11.86 -21.53 7.73
CG MLY A 311 -11.08 -21.43 9.03
CD MLY A 311 -12.00 -21.69 10.22
CE MLY A 311 -11.23 -21.56 11.52
NZ MLY A 311 -11.97 -22.23 12.60
CH1 MLY A 311 -11.01 -22.69 13.63
CH2 MLY A 311 -12.94 -21.31 13.21
C MLY A 311 -11.74 -21.69 5.29
O MLY A 311 -12.42 -20.88 4.66
N MLY A 312 -11.67 -22.99 4.93
CA MLY A 312 -12.38 -23.49 3.78
CB MLY A 312 -12.12 -24.99 3.64
CG MLY A 312 -12.94 -25.63 2.51
CD MLY A 312 -12.45 -27.04 2.17
CE MLY A 312 -12.81 -28.04 3.25
NZ MLY A 312 -12.13 -29.35 3.02
CH1 MLY A 312 -12.62 -30.34 4.01
CH2 MLY A 312 -12.38 -29.84 1.65
C MLY A 312 -13.84 -23.23 4.02
O MLY A 312 -14.33 -23.46 5.11
N GLY A 313 -14.55 -22.74 3.03
CA GLY A 313 -16.00 -22.66 3.15
C GLY A 313 -16.54 -21.36 3.74
N GLN A 314 -15.67 -20.45 4.19
CA GLN A 314 -16.15 -19.11 4.54
C GLN A 314 -16.65 -18.42 3.30
N MLY A 315 -17.73 -17.67 3.45
CA MLY A 315 -18.38 -17.02 2.32
CB MLY A 315 -19.85 -17.44 2.21
CG MLY A 315 -20.13 -18.91 1.95
CD MLY A 315 -21.65 -19.14 2.04
CE MLY A 315 -22.03 -20.62 1.91
NZ MLY A 315 -23.11 -21.00 2.85
CH1 MLY A 315 -23.80 -22.21 2.34
CH2 MLY A 315 -22.58 -21.27 4.21
C MLY A 315 -18.52 -15.55 2.48
O MLY A 315 -18.72 -15.04 3.58
N THR A 316 -18.45 -14.85 1.35
CA THR A 316 -18.86 -13.47 1.25
C THR A 316 -19.98 -13.34 0.23
N THR A 317 -21.06 -12.66 0.60
CA THR A 317 -22.30 -12.69 -0.15
C THR A 317 -22.61 -11.28 -0.50
N PHE A 318 -22.94 -11.00 -1.76
CA PHE A 318 -23.31 -9.66 -2.22
C PHE A 318 -24.76 -9.65 -2.77
N ASN A 319 -25.68 -9.26 -1.91
N ASN A 319 -25.72 -9.30 -1.93
CA ASN A 319 -27.08 -9.22 -2.20
CA ASN A 319 -27.13 -9.29 -2.36
C ASN A 319 -27.48 -7.86 -2.79
C ASN A 319 -27.50 -7.89 -2.81
N LEU A 320 -27.28 -7.68 -4.10
CA LEU A 320 -27.52 -6.36 -4.70
C LEU A 320 -28.63 -6.31 -5.75
N MLY A 321 -29.25 -5.13 -5.84
CA MLY A 321 -30.32 -4.87 -6.77
CB MLY A 321 -31.69 -5.10 -6.09
CG MLY A 321 -32.01 -4.37 -4.79
CD MLY A 321 -33.12 -5.08 -3.97
C MLY A 321 -30.15 -3.46 -7.29
O MLY A 321 -29.35 -2.67 -6.75
N LEU A 322 -30.87 -3.18 -8.37
CA LEU A 322 -30.89 -1.88 -8.99
C LEU A 322 -32.22 -1.21 -8.72
N MLY A 323 -32.19 0.04 -8.30
CA MLY A 323 -33.40 0.79 -8.07
CB MLY A 323 -33.57 1.16 -6.60
CG MLY A 323 -34.82 2.00 -6.33
CD MLY A 323 -35.31 1.85 -4.89
CE MLY A 323 -36.78 2.19 -4.76
NZ MLY A 323 -37.22 2.09 -3.35
CH1 MLY A 323 -38.59 2.65 -3.23
CH2 MLY A 323 -37.20 0.69 -2.85
C MLY A 323 -33.29 2.01 -8.90
O MLY A 323 -32.30 2.75 -8.79
N MLY A 324 -34.27 2.21 -9.79
CA MLY A 324 -34.26 3.34 -10.73
CB MLY A 324 -34.32 2.82 -12.17
CG MLY A 324 -34.79 3.92 -13.13
CD MLY A 324 -35.50 3.42 -14.36
CE MLY A 324 -35.62 4.59 -15.36
NZ MLY A 324 -36.85 4.61 -16.18
CH1 MLY A 324 -36.70 5.67 -17.21
CH2 MLY A 324 -37.10 3.32 -16.86
C MLY A 324 -35.41 4.23 -10.40
O MLY A 324 -36.52 3.75 -10.08
N GLU A 325 -35.15 5.54 -10.43
CA GLU A 325 -36.14 6.59 -10.26
C GLU A 325 -36.31 7.29 -11.60
N GLY A 326 -37.57 7.48 -12.00
CA GLY A 326 -37.88 7.98 -13.35
C GLY A 326 -37.40 9.40 -13.60
N GLY A 327 -37.21 9.72 -14.87
CA GLY A 327 -37.01 11.09 -15.33
C GLY A 327 -38.35 11.60 -15.86
N ILE A 328 -38.64 11.26 -17.12
CA ILE A 328 -39.90 11.63 -17.83
C ILE A 328 -41.00 12.15 -16.89
N GLU B 16 43.83 -7.18 -3.46
CA GLU B 16 43.60 -6.48 -4.76
C GLU B 16 42.16 -5.91 -4.87
N SER B 17 41.85 -4.92 -4.03
CA SER B 17 40.63 -4.10 -4.18
C SER B 17 40.83 -2.83 -4.99
N TRP B 18 39.86 -2.53 -5.87
CA TRP B 18 39.79 -1.25 -6.54
CA TRP B 18 39.75 -1.25 -6.53
C TRP B 18 38.58 -0.51 -5.93
N VAL B 19 38.73 0.80 -5.73
CA VAL B 19 37.59 1.63 -5.41
C VAL B 19 37.50 2.73 -6.46
N ALA B 20 36.29 2.94 -6.99
CA ALA B 20 36.03 3.98 -7.96
C ALA B 20 34.85 4.88 -7.53
N PRO B 21 34.98 6.20 -7.71
CA PRO B 21 33.92 7.12 -7.32
C PRO B 21 32.84 7.15 -8.39
N LEU B 22 31.60 7.35 -7.98
CA LEU B 22 30.49 7.30 -8.94
C LEU B 22 29.82 8.65 -9.09
N GLY B 23 30.11 9.58 -8.18
CA GLY B 23 29.85 10.99 -8.48
C GLY B 23 28.41 11.35 -8.17
N MSE B 24 28.04 11.04 -6.96
CA MSE B 24 26.64 10.82 -6.64
C MSE B 24 25.86 12.03 -6.16
O MSE B 24 24.67 12.19 -6.50
CB MSE B 24 26.70 9.79 -5.52
CG MSE B 24 27.03 8.41 -6.04
SE MSE B 24 25.32 7.44 -6.31
CE MSE B 24 25.76 5.88 -7.45
N GLY B 25 26.49 12.85 -5.33
CA GLY B 25 25.82 13.96 -4.67
C GLY B 25 24.42 13.73 -4.10
N TYR B 26 23.58 14.75 -4.23
CA TYR B 26 22.32 14.85 -3.51
C TYR B 26 21.16 15.35 -4.37
N VAL B 27 19.95 15.29 -3.81
CA VAL B 27 18.72 15.90 -4.33
C VAL B 27 17.99 16.70 -3.24
N THR B 28 17.26 17.73 -3.64
CA THR B 28 16.51 18.59 -2.72
CA THR B 28 16.52 18.54 -2.64
C THR B 28 15.04 18.21 -2.78
N SER B 29 14.24 18.69 -1.84
CA SER B 29 12.81 18.38 -1.82
C SER B 29 12.22 18.63 -3.19
N ASP B 30 12.53 19.78 -3.77
CA ASP B 30 11.87 20.17 -5.02
C ASP B 30 12.46 19.42 -6.26
N ASP B 31 13.52 18.60 -6.08
CA ASP B 31 13.90 17.62 -7.09
C ASP B 31 13.06 16.33 -6.97
N VAL B 32 12.81 15.91 -5.73
CA VAL B 32 12.08 14.66 -5.48
C VAL B 32 10.57 14.80 -5.68
N VAL B 33 10.05 15.98 -5.33
CA VAL B 33 8.67 16.31 -5.44
C VAL B 33 8.61 17.53 -6.36
N ASN B 34 7.84 17.46 -7.44
CA ASN B 34 7.86 18.50 -8.48
C ASN B 34 6.96 19.67 -8.15
N VAL B 35 7.28 20.36 -7.07
CA VAL B 35 6.47 21.48 -6.61
C VAL B 35 6.44 22.62 -7.61
N GLU B 36 7.47 22.70 -8.44
CA GLU B 36 7.52 23.74 -9.48
C GLU B 36 6.46 23.57 -10.56
N MLY B 37 6.00 22.36 -10.79
CA MLY B 37 4.99 22.09 -11.82
CB MLY B 37 5.11 20.64 -12.29
CG MLY B 37 6.15 20.46 -13.41
CD MLY B 37 6.31 18.95 -13.65
CE MLY B 37 6.81 18.58 -15.05
NZ MLY B 37 6.50 17.15 -15.28
CH1 MLY B 37 6.32 16.91 -16.74
CH2 MLY B 37 7.59 16.29 -14.75
C MLY B 37 3.59 22.36 -11.29
O MLY B 37 2.64 22.21 -12.03
N VAL B 38 3.46 22.74 -10.02
CA VAL B 38 2.17 22.79 -9.33
C VAL B 38 1.88 24.19 -8.81
N PRO B 39 1.12 25.00 -9.57
CA PRO B 39 0.92 26.43 -9.23
C PRO B 39 0.22 26.74 -7.92
N SER B 40 -0.54 25.79 -7.40
CA SER B 40 -1.23 25.95 -6.10
C SER B 40 -0.27 25.93 -4.89
N ILE B 41 0.94 25.42 -5.09
CA ILE B 41 1.93 25.35 -4.01
C ILE B 41 2.28 26.75 -3.50
N ARG B 42 2.21 26.91 -2.18
CA ARG B 42 2.74 28.03 -1.43
CA ARG B 42 2.74 28.05 -1.45
C ARG B 42 3.74 27.53 -0.40
N GLU B 43 4.69 28.36 0.00
CA GLU B 43 5.53 28.07 1.17
C GLU B 43 4.96 28.81 2.36
N VAL B 44 4.55 28.10 3.41
CA VAL B 44 3.95 28.72 4.58
C VAL B 44 4.70 28.23 5.82
N ASP B 45 5.46 29.11 6.48
CA ASP B 45 6.32 28.69 7.61
C ASP B 45 7.39 27.67 7.23
N GLY B 46 7.95 27.82 6.05
CA GLY B 46 9.01 26.97 5.55
C GLY B 46 8.52 25.63 4.99
N ALA B 47 7.21 25.41 5.01
CA ALA B 47 6.59 24.14 4.59
C ALA B 47 5.75 24.29 3.33
N TYR B 48 5.82 23.29 2.45
CA TYR B 48 5.04 23.31 1.23
C TYR B 48 3.56 22.96 1.48
N VAL B 49 2.68 23.84 1.00
CA VAL B 49 1.26 23.64 1.17
C VAL B 49 0.51 24.01 -0.10
N MSE B 50 -0.42 23.17 -0.56
CA MSE B 50 -1.25 23.56 -1.74
C MSE B 50 -2.50 24.22 -1.25
O MSE B 50 -3.15 23.71 -0.34
CB MSE B 50 -1.59 22.35 -2.58
CG MSE B 50 -0.34 21.80 -3.23
SE MSE B 50 -0.73 20.13 -4.18
CE MSE B 50 -1.03 18.93 -2.68
N ILE B 51 -2.84 25.39 -1.82
CA ILE B 51 -4.02 26.12 -1.39
C ILE B 51 -4.89 26.44 -2.60
N TYR B 52 -6.19 26.12 -2.49
CA TYR B 52 -7.20 26.54 -3.48
C TYR B 52 -8.24 27.34 -2.73
N ASP B 53 -8.40 28.65 -3.04
CA ASP B 53 -9.40 29.50 -2.36
C ASP B 53 -10.31 30.25 -3.34
N GLY B 54 -11.39 30.79 -2.82
CA GLY B 54 -12.36 31.50 -3.65
C GLY B 54 -13.64 31.74 -2.90
N GLU B 55 -14.70 32.02 -3.66
CA GLU B 55 -16.00 32.26 -3.10
C GLU B 55 -16.97 31.24 -3.65
N MSE B 56 -17.99 30.93 -2.84
CA MSE B 56 -19.13 30.13 -3.28
C MSE B 56 -20.24 31.10 -3.65
O MSE B 56 -20.61 31.96 -2.86
CB MSE B 56 -19.54 29.19 -2.16
CG MSE B 56 -18.41 28.21 -1.79
SE MSE B 56 -19.04 26.82 -0.54
CE MSE B 56 -20.21 25.82 -1.76
N MLY B 57 -20.77 30.98 -4.87
CA MLY B 57 -21.90 31.80 -5.32
CB MLY B 57 -22.04 31.79 -6.85
CG MLY B 57 -22.59 33.09 -7.44
C MLY B 57 -23.15 31.29 -4.65
O MLY B 57 -23.51 30.11 -4.79
N ILE B 58 -23.82 32.15 -3.91
CA ILE B 58 -25.08 31.80 -3.25
C ILE B 58 -26.23 31.85 -4.25
N MLY B 59 -27.14 30.90 -4.17
CA MLY B 59 -28.23 30.76 -5.13
CB MLY B 59 -28.58 29.26 -5.29
CG MLY B 59 -27.56 28.58 -6.22
CD MLY B 59 -27.61 27.05 -6.16
C MLY B 59 -29.42 31.59 -4.69
O MLY B 59 -29.61 31.82 -3.49
N GLY B 60 -30.21 32.06 -5.64
CA GLY B 60 -31.44 32.81 -5.35
C GLY B 60 -32.51 31.85 -4.83
N MLY B 61 -33.54 32.39 -4.21
CA MLY B 61 -34.58 31.57 -3.56
CB MLY B 61 -35.10 32.28 -2.32
CG MLY B 61 -33.98 32.94 -1.52
CD MLY B 61 -34.03 32.53 -0.06
CE MLY B 61 -33.23 33.50 0.79
NZ MLY B 61 -33.65 33.37 2.20
CH1 MLY B 61 -32.54 33.85 3.05
CH2 MLY B 61 -34.86 34.18 2.45
C MLY B 61 -35.70 31.29 -4.52
O MLY B 61 -36.47 32.18 -4.86
N SER B 62 -35.83 30.05 -4.96
CA SER B 62 -36.81 29.70 -5.99
C SER B 62 -37.06 28.19 -6.02
N LEU B 63 -37.73 27.72 -4.98
CA LEU B 63 -38.13 26.33 -4.87
C LEU B 63 -39.45 26.26 -4.10
N ARG B 64 -40.45 25.64 -4.72
CA ARG B 64 -41.63 25.19 -4.02
C ARG B 64 -41.40 23.78 -3.47
N ALA B 65 -40.26 23.15 -3.79
CA ALA B 65 -40.04 21.74 -3.49
C ALA B 65 -39.86 21.52 -1.98
N ALA B 66 -40.75 20.73 -1.38
CA ALA B 66 -40.74 20.48 0.07
C ALA B 66 -39.68 19.43 0.46
N SER B 67 -38.48 19.55 -0.11
CA SER B 67 -37.34 18.73 0.32
C SER B 67 -36.82 19.28 1.64
N ASP B 68 -36.41 18.38 2.53
CA ASP B 68 -35.93 18.74 3.86
C ASP B 68 -34.71 19.68 3.86
N MLY B 69 -33.84 19.50 2.87
CA MLY B 69 -32.67 20.35 2.71
CB MLY B 69 -31.40 19.55 2.97
CG MLY B 69 -31.06 19.52 4.46
CD MLY B 69 -29.71 18.85 4.69
CE MLY B 69 -29.53 18.36 6.12
NZ MLY B 69 -29.52 19.45 7.14
CH1 MLY B 69 -29.10 18.89 8.43
CH2 MLY B 69 -28.60 20.52 6.76
C MLY B 69 -32.65 20.87 1.31
O MLY B 69 -33.22 20.26 0.40
N VAL B 70 -31.99 22.01 1.14
CA VAL B 70 -31.90 22.68 -0.15
C VAL B 70 -30.43 23.09 -0.39
N GLU B 71 -29.97 22.95 -1.63
CA GLU B 71 -28.65 23.41 -2.00
C GLU B 71 -28.64 24.92 -2.14
N ILE B 72 -27.78 25.60 -1.41
CA ILE B 72 -27.77 27.09 -1.41
C ILE B 72 -26.50 27.68 -2.02
N ALA B 73 -25.47 26.86 -2.21
CA ALA B 73 -24.27 27.30 -2.89
C ALA B 73 -23.48 26.08 -3.40
N SER B 74 -22.71 26.28 -4.47
CA SER B 74 -21.84 25.26 -5.05
CA SER B 74 -21.79 25.24 -4.93
C SER B 74 -20.59 25.87 -5.64
N GLU B 75 -19.52 25.09 -5.74
CA GLU B 75 -18.31 25.53 -6.43
C GLU B 75 -17.57 24.33 -6.95
N ASP B 76 -17.06 24.43 -8.18
CA ASP B 76 -16.14 23.46 -8.75
C ASP B 76 -14.75 24.05 -8.70
N ILE B 77 -13.84 23.30 -8.11
CA ILE B 77 -12.46 23.68 -7.98
C ILE B 77 -11.65 22.81 -8.95
N THR B 78 -10.95 23.44 -9.88
CA THR B 78 -10.03 22.74 -10.78
C THR B 78 -8.71 22.43 -10.04
N THR B 79 -8.34 21.17 -9.97
CA THR B 79 -7.12 20.79 -9.21
C THR B 79 -6.28 19.82 -10.05
N GLY B 80 -6.32 20.00 -11.36
CA GLY B 80 -5.59 19.15 -12.30
C GLY B 80 -4.08 19.25 -12.23
N ASP B 81 -3.56 20.31 -11.63
CA ASP B 81 -2.11 20.48 -11.44
C ASP B 81 -1.48 19.55 -10.39
N ILE B 82 -2.31 18.98 -9.50
CA ILE B 82 -1.79 18.11 -8.41
C ILE B 82 -1.07 16.88 -8.97
N ASP B 83 -1.56 16.36 -10.10
CA ASP B 83 -0.92 15.25 -10.78
C ASP B 83 0.57 15.47 -11.05
N GLY B 84 0.98 16.73 -11.20
CA GLY B 84 2.36 17.05 -11.54
C GLY B 84 3.35 16.83 -10.42
N LEU B 85 2.90 16.58 -9.19
CA LEU B 85 3.84 16.41 -8.08
C LEU B 85 4.80 15.24 -8.30
N PHE B 86 4.31 14.18 -8.91
CA PHE B 86 5.10 13.02 -9.20
C PHE B 86 4.69 12.54 -10.58
N ASP B 87 5.59 11.82 -11.23
CA ASP B 87 5.23 11.11 -12.43
C ASP B 87 4.48 9.83 -12.08
N GLY B 88 3.41 9.52 -12.81
CA GLY B 88 2.67 8.28 -12.59
C GLY B 88 1.77 8.35 -11.35
N ASP B 89 1.25 7.21 -10.96
CA ASP B 89 0.30 7.14 -9.87
C ASP B 89 1.02 7.34 -8.53
N PHE B 90 0.36 8.05 -7.64
CA PHE B 90 0.80 8.16 -6.26
C PHE B 90 -0.44 8.26 -5.38
N VAL B 91 -0.26 7.93 -4.09
CA VAL B 91 -1.29 8.02 -3.11
C VAL B 91 -0.98 9.19 -2.21
N LEU B 92 -1.76 10.25 -2.36
CA LEU B 92 -1.54 11.50 -1.70
C LEU B 92 -2.22 11.54 -0.31
N ALA B 93 -1.77 10.68 0.60
CA ALA B 93 -2.28 10.61 1.96
C ALA B 93 -1.56 11.61 2.83
N LEU B 94 -2.30 12.60 3.32
CA LEU B 94 -1.78 13.73 4.11
C LEU B 94 -2.38 13.68 5.53
N THR B 95 -1.66 14.25 6.47
CA THR B 95 -2.00 14.24 7.86
CA THR B 95 -2.06 14.19 7.87
C THR B 95 -3.15 15.19 8.17
N ASN B 96 -3.17 16.34 7.48
CA ASN B 96 -4.16 17.35 7.84
C ASN B 96 -4.65 18.26 6.69
N PRO B 97 -5.16 17.64 5.64
CA PRO B 97 -5.88 18.43 4.65
C PRO B 97 -7.12 18.94 5.36
N HIS B 98 -7.53 20.17 5.05
CA HIS B 98 -8.71 20.73 5.66
C HIS B 98 -9.33 21.79 4.74
N ILE B 99 -10.57 22.13 5.06
CA ILE B 99 -11.37 23.09 4.33
C ILE B 99 -11.88 24.07 5.33
N THR B 100 -11.74 25.37 5.04
CA THR B 100 -12.36 26.38 5.88
C THR B 100 -13.42 27.09 5.07
N LEU B 101 -14.43 27.54 5.80
CA LEU B 101 -15.51 28.34 5.28
C LEU B 101 -15.63 29.59 6.11
N MLY B 102 -15.63 30.75 5.48
CA MLY B 102 -15.88 32.00 6.21
CB MLY B 102 -14.65 32.91 6.14
CG MLY B 102 -13.52 32.25 6.93
CD MLY B 102 -12.26 33.11 6.99
CE MLY B 102 -12.03 33.73 8.39
NZ MLY B 102 -10.62 33.63 8.86
CH1 MLY B 102 -9.63 34.06 7.85
CH2 MLY B 102 -10.50 34.45 10.10
C MLY B 102 -17.08 32.64 5.59
O MLY B 102 -17.16 32.76 4.34
N SER B 103 -18.04 33.03 6.44
CA SER B 103 -19.30 33.65 5.99
C SER B 103 -19.62 34.95 6.74
N ASN B 104 -20.43 35.78 6.11
CA ASN B 104 -21.05 36.92 6.78
C ASN B 104 -22.50 36.57 7.04
N VAL B 105 -22.83 36.25 8.30
CA VAL B 105 -24.20 35.83 8.66
C VAL B 105 -24.89 36.88 9.51
N MLY B 106 -25.83 37.61 8.92
CA MLY B 106 -26.55 38.68 9.65
CB MLY B 106 -26.88 39.86 8.73
C MLY B 106 -27.82 38.09 10.20
O MLY B 106 -28.70 37.65 9.47
N ASN B 107 -27.89 38.04 11.54
CA ASN B 107 -29.12 37.75 12.28
C ASN B 107 -29.85 36.47 11.89
N ALA B 108 -29.14 35.35 11.94
CA ALA B 108 -29.73 34.06 11.58
C ALA B 108 -28.91 32.89 12.13
N SER B 109 -29.54 31.73 12.15
CA SER B 109 -28.92 30.49 12.57
C SER B 109 -29.38 29.39 11.63
N LEU B 110 -28.45 28.83 10.85
CA LEU B 110 -28.80 27.89 9.78
C LEU B 110 -28.06 26.58 9.93
N ASP B 111 -28.82 25.50 9.96
CA ASP B 111 -28.25 24.17 10.03
C ASP B 111 -27.94 23.71 8.62
N CYS B 112 -26.67 23.39 8.40
CA CYS B 112 -26.10 23.22 7.09
C CYS B 112 -25.34 21.91 6.97
N SER B 113 -25.05 21.53 5.72
CA SER B 113 -24.13 20.44 5.42
C SER B 113 -23.24 20.87 4.29
N LEU B 114 -21.97 20.53 4.37
CA LEU B 114 -21.07 20.68 3.24
C LEU B 114 -20.70 19.33 2.66
N SER B 115 -21.09 19.11 1.40
CA SER B 115 -20.62 17.98 0.61
C SER B 115 -19.32 18.36 -0.11
N ILE B 116 -18.34 17.48 0.03
CA ILE B 116 -17.04 17.59 -0.57
C ILE B 116 -16.77 16.36 -1.43
N GLU B 117 -16.71 16.56 -2.72
CA GLU B 117 -16.64 15.47 -3.71
C GLU B 117 -15.36 15.62 -4.55
N ALA B 118 -14.51 14.60 -4.56
CA ALA B 118 -13.29 14.66 -5.36
C ALA B 118 -13.43 13.67 -6.48
N GLU B 119 -12.85 13.97 -7.63
CA GLU B 119 -12.83 12.97 -8.70
C GLU B 119 -11.61 13.13 -9.59
N ASN B 120 -11.22 12.03 -10.19
CA ASN B 120 -10.32 12.03 -11.33
C ASN B 120 -10.89 11.03 -12.32
N THR B 121 -10.13 10.70 -13.35
CA THR B 121 -10.72 9.93 -14.43
C THR B 121 -11.00 8.49 -14.03
N SER B 122 -10.33 7.95 -13.01
CA SER B 122 -10.51 6.54 -12.65
C SER B 122 -11.20 6.32 -11.30
N MLY B 123 -11.29 7.37 -10.46
CA MLY B 123 -11.84 7.26 -9.12
CB MLY B 123 -10.72 7.08 -8.12
CG MLY B 123 -9.98 5.76 -8.34
CD MLY B 123 -9.19 5.39 -7.09
CE MLY B 123 -8.59 3.96 -7.14
NZ MLY B 123 -8.89 3.19 -5.91
CH1 MLY B 123 -8.49 1.78 -6.05
CH2 MLY B 123 -8.17 3.80 -4.75
C MLY B 123 -12.59 8.48 -8.67
O MLY B 123 -12.34 9.59 -9.15
N MLY B 124 -13.53 8.26 -7.75
CA MLY B 124 -14.31 9.28 -7.09
CB MLY B 124 -15.73 9.15 -7.55
CG MLY B 124 -15.95 9.88 -8.82
CD MLY B 124 -17.41 9.67 -9.22
CE MLY B 124 -17.67 10.46 -10.51
NZ MLY B 124 -18.97 11.10 -10.46
CH1 MLY B 124 -19.07 12.01 -11.62
CH2 MLY B 124 -20.04 10.07 -10.49
C MLY B 124 -14.40 9.01 -5.63
O MLY B 124 -14.56 7.84 -5.23
N GLU B 125 -14.43 10.05 -4.81
CA GLU B 125 -14.74 9.91 -3.40
C GLU B 125 -15.51 11.13 -2.88
N ALA B 126 -16.29 10.95 -1.82
CA ALA B 126 -17.08 12.04 -1.24
C ALA B 126 -17.21 11.89 0.28
N THR B 127 -17.37 13.04 0.94
CA THR B 127 -17.74 13.07 2.33
C THR B 127 -18.60 14.31 2.55
N SER B 128 -19.11 14.42 3.76
CA SER B 128 -20.00 15.49 4.15
C SER B 128 -19.78 15.78 5.61
N SER B 129 -19.90 17.05 5.99
CA SER B 129 -19.89 17.46 7.38
C SER B 129 -21.07 18.40 7.68
N ASP B 130 -21.62 18.31 8.90
CA ASP B 130 -22.75 19.13 9.36
C ASP B 130 -22.29 20.19 10.33
N PHE B 131 -22.94 21.35 10.28
CA PHE B 131 -22.61 22.45 11.18
C PHE B 131 -23.71 23.49 11.11
N THR B 132 -23.67 24.42 12.05
CA THR B 132 -24.61 25.53 12.03
C THR B 132 -23.84 26.79 11.73
N LEU B 133 -24.36 27.56 10.78
CA LEU B 133 -23.82 28.86 10.47
C LEU B 133 -24.68 29.88 11.20
N SER B 134 -24.09 30.60 12.14
CA SER B 134 -24.81 31.67 12.81
C SER B 134 -23.96 32.92 12.89
N THR B 135 -24.63 34.00 13.29
CA THR B 135 -23.99 35.25 13.65
C THR B 135 -22.76 35.02 14.49
N VAL B 136 -22.96 34.36 15.63
CA VAL B 136 -21.91 34.16 16.62
C VAL B 136 -20.86 33.15 16.17
N SER B 137 -21.25 32.19 15.32
CA SER B 137 -20.33 31.20 14.78
C SER B 137 -20.44 31.06 13.26
N PRO B 138 -19.84 31.99 12.50
CA PRO B 138 -20.00 32.06 11.05
C PRO B 138 -18.87 31.42 10.25
N ASN B 139 -17.88 30.85 10.96
CA ASN B 139 -16.72 30.29 10.31
C ASN B 139 -16.52 28.85 10.71
N ILE B 140 -16.26 28.01 9.73
CA ILE B 140 -16.17 26.58 9.95
C ILE B 140 -14.81 26.07 9.51
N TRP B 141 -14.26 25.11 10.26
CA TRP B 141 -13.02 24.44 9.89
C TRP B 141 -13.28 22.93 9.88
N ILE B 142 -13.18 22.32 8.69
CA ILE B 142 -13.42 20.89 8.53
C ILE B 142 -12.11 20.15 8.24
N GLY B 143 -11.77 19.23 9.11
CA GLY B 143 -10.59 18.36 8.90
C GLY B 143 -10.41 17.37 10.03
N PRO B 144 -9.33 16.60 9.99
CA PRO B 144 -9.12 15.56 10.97
C PRO B 144 -8.54 16.08 12.29
N LEU B 145 -7.95 17.28 12.30
CA LEU B 145 -7.25 17.75 13.51
C LEU B 145 -7.76 19.12 13.94
N ASP B 146 -7.97 19.29 15.23
CA ASP B 146 -8.60 20.52 15.75
C ASP B 146 -7.59 21.66 15.71
N PRO B 147 -7.93 22.81 15.10
CA PRO B 147 -6.90 23.85 15.02
C PRO B 147 -6.78 24.63 16.34
N MLY B 148 -7.77 24.47 17.22
CA MLY B 148 -7.84 25.15 18.52
CB MLY B 148 -6.78 24.59 19.45
CG MLY B 148 -7.00 23.13 19.80
CD MLY B 148 -5.65 22.44 19.97
CE MLY B 148 -5.74 21.07 20.63
NZ MLY B 148 -6.35 21.24 21.97
CH1 MLY B 148 -7.60 20.46 22.02
CH2 MLY B 148 -5.39 20.82 23.02
C MLY B 148 -7.68 26.63 18.30
O MLY B 148 -6.75 27.25 18.78
N THR B 149 -8.57 27.21 17.49
CA THR B 149 -8.63 28.65 17.30
C THR B 149 -10.06 29.07 17.48
N ASP B 150 -10.30 30.12 18.26
CA ASP B 150 -11.64 30.60 18.51
C ASP B 150 -12.26 31.20 17.27
N ALA B 151 -11.44 31.59 16.30
CA ALA B 151 -11.95 32.10 15.03
C ALA B 151 -12.85 31.10 14.27
N PHE B 152 -12.66 29.82 14.51
CA PHE B 152 -13.35 28.77 13.76
C PHE B 152 -14.10 27.80 14.66
N MLY B 153 -15.30 27.40 14.24
CA MLY B 153 -15.94 26.23 14.80
CB MLY B 153 -17.44 26.29 14.58
CG MLY B 153 -18.23 25.02 14.93
CD MLY B 153 -18.04 24.60 16.40
CE MLY B 153 -19.06 23.54 16.81
NZ MLY B 153 -18.40 22.38 17.48
CH1 MLY B 153 -18.82 22.31 18.91
CH2 MLY B 153 -18.74 21.11 16.80
C MLY B 153 -15.32 25.01 14.12
O MLY B 153 -15.34 24.89 12.90
N PHE B 154 -14.76 24.11 14.91
CA PHE B 154 -14.12 22.89 14.36
C PHE B 154 -15.11 21.73 14.21
N VAL B 155 -15.13 21.13 13.02
CA VAL B 155 -15.99 19.98 12.76
C VAL B 155 -15.11 18.85 12.30
N MLY B 156 -14.95 17.83 13.12
CA MLY B 156 -13.99 16.75 12.81
CB MLY B 156 -13.81 15.82 14.00
CG MLY B 156 -12.60 14.91 13.75
CD MLY B 156 -12.34 13.93 14.89
CE MLY B 156 -11.21 14.37 15.80
NZ MLY B 156 -10.61 13.18 16.45
CH1 MLY B 156 -9.35 13.59 17.06
CH2 MLY B 156 -11.52 12.63 17.47
C MLY B 156 -14.48 15.99 11.61
O MLY B 156 -15.63 15.64 11.52
N ASN B 157 -13.58 15.76 10.64
CA ASN B 157 -13.86 14.89 9.52
C ASN B 157 -12.60 14.09 9.20
N GLU B 158 -12.63 12.82 9.57
CA GLU B 158 -11.52 11.93 9.40
C GLU B 158 -11.56 11.15 8.06
N MLY B 159 -12.60 11.35 7.28
CA MLY B 159 -12.69 10.79 5.94
CB MLY B 159 -14.16 10.58 5.56
CG MLY B 159 -14.88 9.63 6.51
CD MLY B 159 -14.55 8.18 6.26
CE MLY B 159 -15.56 7.26 6.94
NZ MLY B 159 -16.59 6.85 5.96
CH1 MLY B 159 -16.38 5.44 5.56
CH2 MLY B 159 -17.94 7.04 6.53
C MLY B 159 -12.08 11.72 4.93
O MLY B 159 -11.79 11.31 3.85
N LEU B 160 -11.90 13.00 5.26
CA LEU B 160 -11.38 13.97 4.26
C LEU B 160 -10.02 13.58 3.68
N PRO B 161 -9.13 12.98 4.50
CA PRO B 161 -7.84 12.63 3.88
C PRO B 161 -7.99 11.55 2.82
N GLY B 162 -8.88 10.59 3.06
CA GLY B 162 -9.14 9.55 2.09
C GLY B 162 -9.67 10.06 0.77
N ILE B 163 -10.45 11.13 0.75
CA ILE B 163 -10.94 11.57 -0.57
C ILE B 163 -9.85 12.37 -1.32
N VAL B 164 -8.97 13.05 -0.58
CA VAL B 164 -7.84 13.71 -1.17
C VAL B 164 -6.78 12.74 -1.73
N GLN B 165 -6.59 11.58 -1.12
CA GLN B 165 -5.48 10.69 -1.48
C GLN B 165 -5.61 10.08 -2.87
N ILE B 166 -6.80 10.08 -3.46
CA ILE B 166 -6.97 9.59 -4.85
C ILE B 166 -6.25 10.51 -5.89
N VAL B 167 -5.89 11.71 -5.45
CA VAL B 167 -5.32 12.75 -6.30
C VAL B 167 -6.42 13.34 -7.22
N PRO B 168 -7.19 14.26 -6.67
CA PRO B 168 -8.28 14.81 -7.44
C PRO B 168 -7.80 15.64 -8.63
N GLN B 169 -8.51 15.54 -9.73
CA GLN B 169 -8.42 16.53 -10.79
C GLN B 169 -9.50 17.60 -10.61
N MLY B 170 -10.54 17.31 -9.81
CA MLY B 170 -11.64 18.24 -9.55
CB MLY B 170 -12.86 18.02 -10.44
CG MLY B 170 -12.75 18.71 -11.81
CD MLY B 170 -14.08 19.33 -12.25
CE MLY B 170 -15.05 18.27 -12.79
NZ MLY B 170 -16.48 18.67 -12.69
CH1 MLY B 170 -16.98 18.52 -11.30
CH2 MLY B 170 -16.70 20.05 -13.16
C MLY B 170 -12.16 18.02 -8.16
O MLY B 170 -12.27 16.88 -7.71
N ILE B 171 -12.45 19.10 -7.45
CA ILE B 171 -13.14 19.04 -6.17
C ILE B 171 -14.39 19.87 -6.27
N HIS B 172 -15.52 19.30 -5.89
CA HIS B 172 -16.79 20.01 -5.92
C HIS B 172 -17.32 20.18 -4.51
N LEU B 173 -17.65 21.42 -4.16
CA LEU B 173 -18.21 21.76 -2.88
C LEU B 173 -19.65 22.14 -3.05
N SER B 174 -20.51 21.56 -2.20
CA SER B 174 -21.93 21.83 -2.22
CA SER B 174 -21.94 21.85 -2.22
C SER B 174 -22.46 22.12 -0.82
N LEU B 175 -22.96 23.34 -0.64
CA LEU B 175 -23.48 23.75 0.67
C LEU B 175 -24.98 23.65 0.65
N SER B 176 -25.52 22.84 1.57
CA SER B 176 -26.96 22.69 1.71
C SER B 176 -27.40 23.13 3.10
N ALA B 177 -28.64 23.61 3.19
CA ALA B 177 -29.22 24.05 4.44
C ALA B 177 -30.61 23.49 4.63
N ASP B 178 -31.03 23.37 5.89
CA ASP B 178 -32.42 23.04 6.23
C ASP B 178 -33.38 23.99 5.48
N SER B 179 -34.37 23.42 4.79
CA SER B 179 -35.20 24.21 3.88
C SER B 179 -36.09 25.22 4.58
N MLY B 180 -36.68 24.83 5.72
CA MLY B 180 -37.62 25.70 6.43
CB MLY B 180 -38.26 25.02 7.63
C MLY B 180 -36.84 26.91 6.88
O MLY B 180 -37.27 28.03 6.63
N GLN B 181 -35.68 26.68 7.50
CA GLN B 181 -34.83 27.77 8.02
C GLN B 181 -34.40 28.74 6.94
N TRP B 182 -34.01 28.21 5.79
CA TRP B 182 -33.55 29.03 4.68
C TRP B 182 -34.64 29.93 4.08
N THR B 183 -35.85 29.41 3.90
CA THR B 183 -36.98 30.25 3.43
C THR B 183 -37.38 31.32 4.45
N ASN B 184 -37.37 30.97 5.73
CA ASN B 184 -37.77 31.89 6.81
C ASN B 184 -36.71 32.89 7.23
N ALA B 185 -35.47 32.71 6.77
CA ALA B 185 -34.39 33.58 7.19
C ALA B 185 -34.50 34.96 6.52
N PRO B 186 -34.01 36.02 7.19
CA PRO B 186 -33.96 37.34 6.59
C PRO B 186 -33.30 37.32 5.20
N ALA B 187 -33.75 38.18 4.30
CA ALA B 187 -33.27 38.15 2.91
C ALA B 187 -31.76 38.38 2.80
N ASP B 188 -31.19 39.21 3.68
CA ASP B 188 -29.74 39.48 3.67
C ASP B 188 -28.93 38.57 4.62
N ALA B 189 -29.49 37.41 4.99
CA ALA B 189 -28.94 36.61 6.09
C ALA B 189 -27.57 36.02 5.80
N LEU B 190 -27.30 35.65 4.54
CA LEU B 190 -26.02 35.05 4.20
C LEU B 190 -25.40 35.63 2.92
N SER B 191 -24.17 36.15 3.03
CA SER B 191 -23.34 36.50 1.88
C SER B 191 -21.84 36.34 2.21
N GLU B 192 -20.96 36.66 1.24
CA GLU B 192 -19.49 36.64 1.42
C GLU B 192 -18.98 35.23 1.79
N LEU B 193 -19.46 34.22 1.09
CA LEU B 193 -19.12 32.83 1.43
C LEU B 193 -17.78 32.42 0.84
N ARG B 194 -16.73 32.40 1.67
CA ARG B 194 -15.35 32.26 1.21
C ARG B 194 -14.83 30.88 1.65
N TYR B 195 -14.27 30.13 0.72
CA TYR B 195 -13.64 28.85 1.05
C TYR B 195 -12.12 28.81 0.86
N ALA B 196 -11.49 27.84 1.51
CA ALA B 196 -10.07 27.58 1.36
C ALA B 196 -9.85 26.07 1.58
N VAL B 197 -9.31 25.41 0.58
CA VAL B 197 -8.92 24.00 0.66
C VAL B 197 -7.42 24.06 0.83
N GLU B 198 -6.91 23.52 1.94
CA GLU B 198 -5.50 23.57 2.20
C GLU B 198 -4.96 22.16 2.33
N LEU B 199 -3.94 21.85 1.54
CA LEU B 199 -3.35 20.52 1.50
C LEU B 199 -1.86 20.63 1.85
N PRO B 200 -1.55 20.58 3.13
CA PRO B 200 -0.16 20.62 3.56
C PRO B 200 0.55 19.30 3.24
N LEU B 201 1.76 19.39 2.67
CA LEU B 201 2.48 18.21 2.28
C LEU B 201 3.20 17.62 3.51
N THR B 202 2.40 17.17 4.48
CA THR B 202 2.82 16.34 5.59
C THR B 202 2.30 14.91 5.34
N PRO B 203 3.14 14.02 4.84
CA PRO B 203 2.66 12.68 4.50
C PRO B 203 2.16 11.89 5.71
N ALA B 204 1.07 11.17 5.49
CA ALA B 204 0.53 10.22 6.41
C ALA B 204 1.08 8.86 6.09
N PRO B 205 0.86 7.88 6.98
CA PRO B 205 1.41 6.52 6.76
C PRO B 205 1.08 5.90 5.40
N GLU B 206 -0.08 6.17 4.83
CA GLU B 206 -0.44 5.52 3.52
C GLU B 206 0.15 6.20 2.32
N PHE B 207 0.89 7.28 2.53
CA PHE B 207 1.47 8.02 1.42
C PHE B 207 2.37 7.10 0.60
N SER B 208 2.30 7.20 -0.74
CA SER B 208 3.13 6.40 -1.62
C SER B 208 3.36 7.09 -2.93
N ALA B 209 4.60 7.11 -3.39
CA ALA B 209 4.97 7.72 -4.65
C ALA B 209 6.32 7.21 -5.09
N VAL B 210 6.65 7.38 -6.37
CA VAL B 210 7.96 7.03 -6.88
C VAL B 210 8.58 8.26 -7.53
N SER B 211 9.82 8.52 -7.14
CA SER B 211 10.62 9.59 -7.73
C SER B 211 11.96 8.99 -8.23
N VAL B 212 12.38 9.39 -9.44
CA VAL B 212 13.60 8.88 -10.07
C VAL B 212 14.69 9.94 -10.01
N GLU B 213 15.86 9.60 -9.45
CA GLU B 213 17.01 10.51 -9.46
C GLU B 213 18.11 9.93 -10.36
N ARG B 214 18.64 10.79 -11.24
CA ARG B 214 19.62 10.43 -12.25
C ARG B 214 21.01 10.84 -11.79
N ILE B 215 21.93 9.90 -11.79
CA ILE B 215 23.35 10.18 -11.64
C ILE B 215 23.93 9.94 -13.01
N GLU B 216 24.22 11.03 -13.68
CA GLU B 216 24.73 11.05 -15.03
C GLU B 216 26.22 10.76 -15.05
N ASP B 217 26.67 9.93 -15.99
CA ASP B 217 28.07 9.61 -16.17
C ASP B 217 28.72 9.05 -14.90
N ALA B 218 28.04 8.09 -14.30
CA ALA B 218 28.57 7.39 -13.15
C ALA B 218 29.79 6.57 -13.53
N PHE B 219 29.77 6.07 -14.76
CA PHE B 219 30.82 5.23 -15.26
C PHE B 219 31.35 5.86 -16.55
N ASP B 220 32.66 5.92 -16.69
CA ASP B 220 33.31 6.55 -17.83
C ASP B 220 33.59 5.49 -18.89
N GLU B 221 33.24 5.77 -20.14
CA GLU B 221 33.53 4.83 -21.21
C GLU B 221 35.04 4.46 -21.29
N ASP B 222 35.92 5.32 -20.82
CA ASP B 222 37.37 5.06 -20.94
C ASP B 222 37.93 4.12 -19.88
N PHE B 223 37.09 3.71 -18.91
CA PHE B 223 37.56 2.82 -17.83
CA PHE B 223 37.48 2.88 -17.79
C PHE B 223 36.75 1.53 -17.71
N VAL B 224 35.54 1.48 -18.27
CA VAL B 224 34.67 0.30 -18.06
C VAL B 224 35.24 -1.00 -18.55
N ASP B 225 35.96 -1.00 -19.68
CA ASP B 225 36.48 -2.25 -20.23
C ASP B 225 37.49 -2.87 -19.30
N TYR B 226 38.36 -2.05 -18.73
CA TYR B 226 39.33 -2.55 -17.76
C TYR B 226 38.68 -2.92 -16.42
N ILE B 227 37.85 -2.02 -15.85
CA ILE B 227 37.30 -2.26 -14.51
C ILE B 227 36.33 -3.42 -14.48
N PHE B 228 35.58 -3.62 -15.56
CA PHE B 228 34.55 -4.66 -15.56
C PHE B 228 34.94 -5.90 -16.39
N SER B 229 36.25 -6.10 -16.58
CA SER B 229 36.77 -7.25 -17.33
CA SER B 229 36.77 -7.24 -17.34
C SER B 229 36.38 -8.57 -16.70
N ASP B 230 36.57 -8.65 -15.38
CA ASP B 230 36.16 -9.84 -14.61
C ASP B 230 36.19 -9.51 -13.10
N GLY B 231 36.13 -10.54 -12.26
CA GLY B 231 35.93 -10.37 -10.83
C GLY B 231 34.50 -10.03 -10.49
N SER B 232 34.29 -9.40 -9.32
CA SER B 232 32.97 -9.01 -8.85
C SER B 232 33.08 -7.65 -8.17
N ALA B 233 31.94 -7.06 -7.83
CA ALA B 233 31.96 -5.72 -7.28
C ALA B 233 30.71 -5.44 -6.47
N ARG B 234 30.71 -4.30 -5.81
CA ARG B 234 29.49 -3.79 -5.22
C ARG B 234 29.48 -2.28 -5.31
N ILE B 235 28.28 -1.79 -5.42
CA ILE B 235 28.06 -0.34 -5.32
C ILE B 235 27.46 -0.13 -3.96
N TYR B 236 28.09 0.71 -3.15
CA TYR B 236 27.67 0.81 -1.76
C TYR B 236 28.00 2.14 -1.16
N GLY B 237 27.38 2.40 -0.01
CA GLY B 237 27.66 3.60 0.76
C GLY B 237 26.50 4.09 1.60
N GLU B 238 26.64 5.31 2.11
CA GLU B 238 25.67 5.82 3.04
C GLU B 238 24.73 6.81 2.33
N VAL B 239 23.47 6.70 2.69
CA VAL B 239 22.46 7.66 2.28
C VAL B 239 22.06 8.47 3.47
N THR B 240 21.89 9.77 3.30
CA THR B 240 21.32 10.59 4.35
C THR B 240 20.05 11.18 3.79
N ASN B 241 19.00 11.25 4.61
CA ASN B 241 17.70 11.73 4.15
C ASN B 241 17.11 12.67 5.17
N GLU B 242 16.81 13.90 4.75
CA GLU B 242 16.16 14.87 5.62
C GLU B 242 14.66 14.98 5.36
N MSE B 243 14.19 14.33 4.32
CA MSE B 243 12.81 14.46 3.87
C MSE B 243 11.93 13.51 4.64
O MSE B 243 12.40 12.50 5.15
CB MSE B 243 12.72 14.12 2.37
CG MSE B 243 13.32 15.23 1.52
SE MSE B 243 13.14 14.74 -0.38
CE MSE B 243 14.88 15.54 -0.86
N PRO B 244 10.63 13.79 4.72
CA PRO B 244 9.71 13.01 5.55
C PRO B 244 9.10 11.80 4.82
N PHE B 245 9.95 11.01 4.18
CA PHE B 245 9.58 9.80 3.51
C PHE B 245 10.59 8.75 3.88
N ASP B 246 10.15 7.53 4.08
CA ASP B 246 11.05 6.37 3.99
C ASP B 246 11.29 6.06 2.51
N MSE B 247 12.42 5.44 2.18
CA MSE B 247 12.73 5.14 0.78
C MSE B 247 13.12 3.68 0.66
O MSE B 247 13.83 3.14 1.49
CB MSE B 247 13.86 6.04 0.29
CG MSE B 247 13.56 7.50 0.50
SE MSE B 247 15.09 8.54 -0.17
CE MSE B 247 14.21 10.31 -0.17
N SER B 248 12.59 3.04 -0.36
CA SER B 248 13.06 1.76 -0.84
C SER B 248 13.71 2.06 -2.18
N ILE B 249 15.00 1.84 -2.24
CA ILE B 249 15.81 2.31 -3.39
C ILE B 249 16.08 1.16 -4.32
N GLU B 250 15.65 1.33 -5.55
CA GLU B 250 15.89 0.39 -6.62
C GLU B 250 16.84 1.02 -7.60
N MSE B 251 17.96 0.36 -7.85
CA MSE B 251 19.01 0.88 -8.70
C MSE B 251 18.89 0.31 -10.08
O MSE B 251 18.87 -0.92 -10.27
CB MSE B 251 20.39 0.54 -8.09
CG MSE B 251 21.50 0.95 -9.04
SE MSE B 251 23.28 0.92 -8.21
CE MSE B 251 23.07 2.45 -7.01
N VAL B 252 18.82 1.20 -11.09
CA VAL B 252 18.89 0.77 -12.47
C VAL B 252 20.14 1.35 -13.12
N ILE B 253 20.90 0.48 -13.79
CA ILE B 253 22.08 0.86 -14.51
C ILE B 253 21.66 1.09 -15.96
N MSE B 254 22.00 2.26 -16.49
CA MSE B 254 21.61 2.68 -17.84
C MSE B 254 22.81 2.82 -18.75
O MSE B 254 23.87 3.29 -18.35
CB MSE B 254 20.93 4.05 -17.79
CG MSE B 254 19.71 4.17 -16.88
SE MSE B 254 18.22 3.28 -17.82
CE MSE B 254 17.21 4.82 -18.50
N ASP B 255 22.66 2.43 -20.01
CA ASP B 255 23.71 2.57 -21.00
C ASP B 255 23.67 3.96 -21.66
N GLU B 256 24.54 4.18 -22.62
CA GLU B 256 24.69 5.52 -23.24
C GLU B 256 23.41 5.99 -23.97
N ASN B 257 22.52 5.07 -24.31
CA ASN B 257 21.24 5.43 -24.93
C ASN B 257 20.06 5.49 -23.96
N ASN B 258 20.37 5.51 -22.66
CA ASN B 258 19.37 5.44 -21.63
C ASN B 258 18.48 4.19 -21.77
N VAL B 259 19.08 3.06 -22.16
CA VAL B 259 18.47 1.74 -22.12
C VAL B 259 19.04 0.94 -20.94
N PRO B 260 18.18 0.29 -20.14
CA PRO B 260 18.72 -0.38 -18.96
C PRO B 260 19.67 -1.50 -19.31
N VAL B 261 20.77 -1.59 -18.57
CA VAL B 261 21.67 -2.73 -18.65
C VAL B 261 20.90 -3.85 -17.95
N ASP B 262 21.09 -5.09 -18.39
CA ASP B 262 20.32 -6.24 -17.91
C ASP B 262 20.90 -6.81 -16.60
N ILE B 263 20.78 -6.01 -15.56
CA ILE B 263 21.24 -6.39 -14.23
CA ILE B 263 21.23 -6.39 -14.24
C ILE B 263 20.22 -5.86 -13.23
N GLN B 264 19.77 -6.74 -12.36
CA GLN B 264 18.84 -6.34 -11.34
C GLN B 264 19.44 -6.59 -9.96
N PHE B 265 18.99 -5.80 -9.00
CA PHE B 265 19.42 -5.95 -7.63
C PHE B 265 18.22 -5.86 -6.72
N PRO B 266 18.29 -6.54 -5.57
CA PRO B 266 17.29 -6.29 -4.54
C PRO B 266 17.24 -4.81 -4.17
N ALA B 267 16.05 -4.30 -3.90
CA ALA B 267 15.90 -2.95 -3.40
C ALA B 267 16.58 -2.79 -2.02
N GLN B 268 16.99 -1.57 -1.71
CA GLN B 268 17.63 -1.27 -0.46
C GLN B 268 16.84 -0.25 0.30
N GLU B 269 16.49 -0.56 1.55
CA GLU B 269 15.65 0.33 2.36
C GLU B 269 16.46 1.34 3.08
N VAL B 270 15.95 2.55 3.15
CA VAL B 270 16.51 3.59 3.99
C VAL B 270 15.36 4.20 4.74
N MLY B 271 15.24 3.84 6.02
CA MLY B 271 14.20 4.42 6.89
CB MLY B 271 13.49 3.27 7.60
CG MLY B 271 12.79 2.32 6.63
CD MLY B 271 11.65 1.58 7.33
CE MLY B 271 11.24 0.29 6.60
NZ MLY B 271 10.43 0.53 5.38
CH1 MLY B 271 10.12 -0.76 4.75
CH2 MLY B 271 9.17 1.25 5.69
C MLY B 271 14.91 5.36 7.83
O MLY B 271 15.95 5.04 8.37
N GLY B 272 14.35 6.52 8.08
CA GLY B 272 15.04 7.48 8.93
C GLY B 272 16.09 8.34 8.22
N GLN B 273 16.97 8.91 9.01
CA GLN B 273 17.82 9.98 8.55
C GLN B 273 19.09 9.43 7.90
N SER B 274 19.43 8.17 8.20
CA SER B 274 20.66 7.55 7.70
C SER B 274 20.45 6.11 7.42
N GLY B 275 21.17 5.60 6.42
CA GLY B 275 21.11 4.18 6.07
C GLY B 275 22.25 3.75 5.15
N GLU B 276 22.77 2.54 5.33
CA GLU B 276 23.75 1.96 4.41
C GLU B 276 23.02 1.19 3.33
N VAL B 277 23.43 1.33 2.08
CA VAL B 277 22.94 0.48 0.98
C VAL B 277 24.09 -0.24 0.26
N ILE B 278 23.78 -1.44 -0.24
CA ILE B 278 24.73 -2.30 -0.95
C ILE B 278 24.01 -2.90 -2.15
N PHE B 279 24.57 -2.69 -3.35
CA PHE B 279 24.08 -3.35 -4.56
C PHE B 279 25.19 -4.25 -5.13
N GLU B 280 24.99 -5.57 -5.04
CA GLU B 280 26.02 -6.50 -5.46
C GLU B 280 26.00 -6.77 -6.95
N ILE B 281 27.19 -6.71 -7.57
CA ILE B 281 27.36 -7.06 -8.97
C ILE B 281 28.06 -8.38 -8.94
N THR B 282 27.37 -9.44 -9.32
CA THR B 282 27.96 -10.78 -9.26
C THR B 282 28.96 -10.99 -10.37
N MLY B 283 29.77 -12.03 -10.21
CA MLY B 283 30.75 -12.44 -11.21
CB MLY B 283 31.42 -13.72 -10.70
CG MLY B 283 32.54 -14.25 -11.61
C MLY B 283 30.11 -12.63 -12.57
O MLY B 283 30.63 -12.18 -13.59
N GLU B 284 28.93 -13.24 -12.57
CA GLU B 284 28.17 -13.51 -13.78
C GLU B 284 27.72 -12.22 -14.48
N ASP B 285 27.36 -11.21 -13.71
CA ASP B 285 26.84 -9.99 -14.30
C ASP B 285 27.92 -8.96 -14.60
N MSE B 286 29.12 -9.12 -14.06
CA MSE B 286 30.18 -8.09 -14.20
C MSE B 286 30.44 -7.67 -15.65
O MSE B 286 30.58 -6.47 -15.93
CB MSE B 286 31.47 -8.63 -13.56
CG MSE B 286 32.53 -7.55 -13.39
SE MSE B 286 32.17 -6.53 -11.75
CE MSE B 286 33.99 -5.87 -11.60
N PRO B 287 30.50 -8.63 -16.59
CA PRO B 287 30.82 -8.23 -17.98
C PRO B 287 29.76 -7.33 -18.62
N MLY B 288 28.52 -7.46 -18.17
CA MLY B 288 27.44 -6.63 -18.65
CB MLY B 288 26.10 -7.08 -18.06
CG MLY B 288 25.75 -8.46 -18.60
CD MLY B 288 24.58 -9.10 -17.85
CE MLY B 288 24.35 -10.45 -18.53
NZ MLY B 288 24.88 -11.54 -17.67
CH1 MLY B 288 23.79 -12.43 -17.25
CH2 MLY B 288 25.91 -12.32 -18.40
C MLY B 288 27.64 -5.19 -18.30
O MLY B 288 27.14 -4.30 -19.02
N MSE B 289 28.40 -4.92 -17.23
CA MSE B 289 28.67 -3.54 -16.82
C MSE B 289 29.58 -2.76 -17.77
O MSE B 289 29.69 -1.53 -17.65
CB MSE B 289 29.30 -3.48 -15.41
CG MSE B 289 28.35 -4.01 -14.31
SE MSE B 289 26.83 -2.84 -14.01
CE MSE B 289 27.86 -1.34 -13.27
N MLY B 290 30.20 -3.41 -18.74
CA MLY B 290 30.93 -2.71 -19.82
CB MLY B 290 31.48 -3.74 -20.80
CG MLY B 290 32.65 -4.48 -20.14
CD MLY B 290 33.11 -5.65 -21.01
CE MLY B 290 34.54 -6.06 -20.74
NZ MLY B 290 35.29 -6.22 -22.01
CH1 MLY B 290 36.73 -6.40 -21.71
CH2 MLY B 290 34.78 -7.36 -22.79
C MLY B 290 30.05 -1.67 -20.51
O MLY B 290 30.56 -0.65 -21.01
N ASP B 291 28.74 -1.87 -20.50
CA ASP B 291 27.82 -0.92 -21.12
C ASP B 291 27.30 0.14 -20.17
N ALA B 292 27.66 0.05 -18.88
CA ALA B 292 27.10 0.96 -17.90
C ALA B 292 27.63 2.40 -18.09
N ARG B 293 26.75 3.39 -18.00
CA ARG B 293 27.14 4.80 -18.03
C ARG B 293 26.48 5.65 -16.93
N HIS B 294 25.18 5.48 -16.73
CA HIS B 294 24.41 6.26 -15.81
C HIS B 294 23.73 5.35 -14.81
N ILE B 295 23.31 5.96 -13.72
CA ILE B 295 22.53 5.27 -12.72
C ILE B 295 21.20 6.01 -12.55
N ASP B 296 20.11 5.26 -12.56
CA ASP B 296 18.82 5.75 -12.07
C ASP B 296 18.50 5.11 -10.73
N LEU B 297 18.30 5.94 -9.72
CA LEU B 297 17.82 5.52 -8.41
C LEU B 297 16.33 5.72 -8.42
N ASN B 298 15.58 4.63 -8.49
CA ASN B 298 14.14 4.70 -8.30
C ASN B 298 13.82 4.72 -6.82
N LEU B 299 13.33 5.84 -6.36
CA LEU B 299 13.06 6.04 -4.93
C LEU B 299 11.58 5.79 -4.64
N HIS B 300 11.27 4.64 -4.07
CA HIS B 300 9.90 4.33 -3.67
CA HIS B 300 9.84 4.37 -3.65
C HIS B 300 9.65 4.98 -2.29
N LEU B 301 8.86 6.06 -2.29
CA LEU B 301 8.60 6.85 -1.09
C LEU B 301 7.35 6.38 -0.38
N THR B 302 7.45 6.26 0.93
CA THR B 302 6.30 5.90 1.72
C THR B 302 6.25 6.79 2.94
N GLY B 303 5.02 7.00 3.41
CA GLY B 303 4.79 7.80 4.57
C GLY B 303 5.28 7.18 5.87
N ARG B 304 5.56 8.04 6.83
CA ARG B 304 5.87 7.62 8.21
C ARG B 304 4.70 7.97 9.13
N ASP B 305 4.82 7.81 10.46
CA ASP B 305 3.69 8.22 11.33
CA ASP B 305 3.73 8.16 11.39
C ASP B 305 4.06 9.34 12.32
N GLN B 306 5.04 10.17 11.96
CA GLN B 306 5.55 11.17 12.90
CA GLN B 306 5.54 11.18 12.89
C GLN B 306 5.10 12.60 12.53
N GLY B 307 4.25 12.73 11.51
CA GLY B 307 3.73 14.06 11.15
C GLY B 307 4.75 15.11 10.71
N GLU B 308 5.79 14.69 10.00
CA GLU B 308 6.84 15.61 9.56
C GLU B 308 6.45 16.26 8.22
N ALA B 309 6.65 17.57 8.10
CA ALA B 309 6.29 18.33 6.90
C ALA B 309 7.41 18.33 5.86
N LEU B 310 7.06 18.35 4.58
CA LEU B 310 8.04 18.52 3.52
C LEU B 310 8.42 20.01 3.51
N MLY B 311 9.72 20.29 3.48
CA MLY B 311 10.20 21.68 3.52
CB MLY B 311 10.86 21.97 4.87
CG MLY B 311 9.87 21.96 6.02
CD MLY B 311 10.57 22.28 7.35
CE MLY B 311 9.57 22.27 8.49
NZ MLY B 311 10.10 22.99 9.66
CH1 MLY B 311 8.99 23.53 10.45
CH2 MLY B 311 10.91 22.08 10.49
C MLY B 311 11.21 21.96 2.45
O MLY B 311 11.97 21.07 2.01
N MLY B 312 11.26 23.21 2.01
CA MLY B 312 12.18 23.64 0.96
CB MLY B 312 11.98 25.12 0.70
CG MLY B 312 12.99 25.66 -0.31
CD MLY B 312 12.62 27.07 -0.81
CE MLY B 312 12.79 28.15 0.25
NZ MLY B 312 12.20 29.46 -0.19
CH1 MLY B 312 12.51 30.50 0.82
CH2 MLY B 312 12.71 29.85 -1.52
C MLY B 312 13.55 23.41 1.48
O MLY B 312 13.81 23.69 2.64
N GLY B 313 14.43 22.86 0.67
CA GLY B 313 15.83 22.74 1.10
C GLY B 313 16.21 21.51 1.89
N GLN B 314 15.27 20.63 2.23
CA GLN B 314 15.62 19.32 2.75
C GLN B 314 16.35 18.54 1.66
N MLY B 315 17.38 17.80 2.06
CA MLY B 315 18.20 17.03 1.13
CB MLY B 315 19.67 17.42 1.27
CG MLY B 315 20.03 18.86 0.98
CD MLY B 315 21.51 19.09 1.31
CE MLY B 315 21.94 20.54 1.16
NZ MLY B 315 22.86 20.96 2.25
CH1 MLY B 315 23.65 22.12 1.80
CH2 MLY B 315 22.11 21.33 3.49
C MLY B 315 18.25 15.57 1.39
O MLY B 315 18.22 15.13 2.55
N THR B 316 18.38 14.80 0.32
CA THR B 316 18.77 13.39 0.38
C THR B 316 20.08 13.20 -0.35
N THR B 317 21.04 12.56 0.28
CA THR B 317 22.41 12.50 -0.19
C THR B 317 22.74 11.07 -0.38
N PHE B 318 23.28 10.72 -1.55
CA PHE B 318 23.70 9.36 -1.84
C PHE B 318 25.24 9.31 -2.00
N ASN B 319 25.97 8.97 -0.96
CA ASN B 319 27.42 8.88 -1.01
CA ASN B 319 27.43 8.88 -1.03
C ASN B 319 27.84 7.45 -1.40
N LEU B 320 27.86 7.17 -2.69
CA LEU B 320 28.17 5.83 -3.18
C LEU B 320 29.44 5.73 -4.06
N MLY B 321 30.03 4.56 -3.95
CA MLY B 321 31.26 4.23 -4.67
CB MLY B 321 32.46 4.50 -3.78
CG MLY B 321 32.56 3.85 -2.41
CD MLY B 321 33.56 4.67 -1.57
C MLY B 321 31.17 2.80 -5.10
O MLY B 321 30.28 2.05 -4.66
N LEU B 322 32.04 2.45 -6.03
CA LEU B 322 32.16 1.10 -6.52
C LEU B 322 33.42 0.47 -5.91
N MLY B 323 33.30 -0.75 -5.40
CA MLY B 323 34.44 -1.49 -4.90
CB MLY B 323 34.31 -1.75 -3.41
CG MLY B 323 35.47 -2.57 -2.87
CD MLY B 323 35.68 -2.30 -1.37
CE MLY B 323 37.11 -2.61 -0.93
NZ MLY B 323 37.27 -2.40 0.53
CH1 MLY B 323 38.58 -2.95 0.95
CH2 MLY B 323 37.18 -0.98 0.91
C MLY B 323 34.47 -2.78 -5.66
O MLY B 323 33.46 -3.51 -5.68
N MLY B 324 35.60 -3.03 -6.31
CA MLY B 324 35.76 -4.21 -7.15
CB MLY B 324 36.13 -3.79 -8.59
CG MLY B 324 36.79 -4.94 -9.36
CD MLY B 324 37.72 -4.53 -10.47
CE MLY B 324 38.00 -5.76 -11.34
NZ MLY B 324 39.36 -5.83 -11.90
CH1 MLY B 324 39.42 -6.96 -12.85
CH2 MLY B 324 39.76 -4.61 -12.62
C MLY B 324 36.83 -5.07 -6.52
O MLY B 324 37.87 -4.56 -6.06
N GLU B 325 36.57 -6.38 -6.52
CA GLU B 325 37.49 -7.41 -6.10
C GLU B 325 37.92 -8.18 -7.34
N GLY B 326 39.22 -8.42 -7.49
CA GLY B 326 39.77 -9.04 -8.70
C GLY B 326 39.37 -10.49 -8.91
N GLY B 327 39.57 -10.99 -10.13
CA GLY B 327 39.27 -12.38 -10.44
C GLY B 327 40.43 -13.29 -10.09
#